data_2XD2
#
_entry.id   2XD2
#
_cell.length_a   181.305
_cell.length_b   56.940
_cell.length_c   113.690
_cell.angle_alpha   90.00
_cell.angle_beta   128.83
_cell.angle_gamma   90.00
#
_symmetry.space_group_name_H-M   'C 1 2 1'
#
loop_
_entity.id
_entity.type
_entity.pdbx_description
1 polymer 'MALTOSE/MALTODEXTRIN-BINDING PROTEIN'
2 water water
#
_entity_poly.entity_id   1
_entity_poly.type   'polypeptide(L)'
_entity_poly.pdbx_seq_one_letter_code
;MGSSHHHHHHSSGLVPRGSHMASDKPADSGSSEVKELTVYVDEGYKSYIEEVAKAYEKEAGVKVTLKTGDALGGLDKLSL
DNQNGNVPDVMMAPYDRVGSLGSDGQLSEVKLSDGAKTDDTTKSLVTAANGKVYGAPAVIESLVMYYNKDLVKDAPKTFA
DLENLAKDSKYAFAGEDGKTTAFLADWTNFYYTYGLLAGNGAYVFGQNGKDAKDIGLANDGSIVGINYAKSWYEKWPKGM
QDTEGAGNLIQTQFQEGKTAAIIDGPWKAQAFKDAKVNYGVATIPTLPNGKEYAAFGGGKAWVIPQAVKNLEASQKFVDF
LVATEQQKVLYDKTNEIPANTEARSYAEGKNDELTTAVIKQFKNTQPLPNISQMSAVWDPAKNMLFDAVSGQKDAKTAAN
DAVTLIKETLKQKFGE
;
_entity_poly.pdbx_strand_id   A,B
#
# COMPACT_ATOMS: atom_id res chain seq x y z
N LYS A 35 22.64 -8.31 -10.68
CA LYS A 35 23.50 -9.42 -11.17
C LYS A 35 22.99 -10.82 -10.78
N GLU A 36 22.46 -10.97 -9.57
CA GLU A 36 21.97 -12.28 -9.12
C GLU A 36 20.52 -12.32 -8.66
N LEU A 37 19.85 -13.40 -9.04
CA LEU A 37 18.48 -13.69 -8.61
C LEU A 37 18.41 -15.13 -8.10
N THR A 38 18.00 -15.30 -6.85
CA THR A 38 17.89 -16.63 -6.26
C THR A 38 16.44 -17.13 -6.25
N VAL A 39 16.24 -18.35 -6.76
CA VAL A 39 14.90 -18.97 -6.78
C VAL A 39 14.79 -20.23 -5.91
N TYR A 40 13.94 -20.12 -4.90
CA TYR A 40 13.66 -21.22 -3.97
C TYR A 40 12.44 -22.02 -4.42
N VAL A 41 12.68 -23.25 -4.84
CA VAL A 41 11.62 -24.13 -5.32
C VAL A 41 11.68 -25.50 -4.64
N ASP A 42 10.62 -26.28 -4.81
CA ASP A 42 10.62 -27.70 -4.54
C ASP A 42 11.57 -28.40 -5.51
N GLU A 43 12.20 -29.46 -5.04
CA GLU A 43 13.07 -30.34 -5.86
C GLU A 43 12.46 -30.66 -7.24
N GLY A 44 11.14 -30.80 -7.31
CA GLY A 44 10.44 -31.14 -8.54
C GLY A 44 10.53 -30.12 -9.65
N TYR A 45 11.17 -28.98 -9.38
CA TYR A 45 11.31 -27.91 -10.37
C TYR A 45 12.73 -27.71 -10.88
N LYS A 46 13.65 -28.58 -10.43
CA LYS A 46 15.06 -28.51 -10.82
C LYS A 46 15.21 -28.44 -12.35
N SER A 47 14.62 -29.41 -13.02
CA SER A 47 14.66 -29.49 -14.48
C SER A 47 14.00 -28.27 -15.14
N TYR A 48 12.96 -27.73 -14.49
CA TYR A 48 12.25 -26.55 -14.99
C TYR A 48 13.09 -25.28 -14.87
N ILE A 49 13.59 -25.02 -13.67
CA ILE A 49 14.34 -23.79 -13.41
C ILE A 49 15.65 -23.70 -14.20
N GLU A 50 16.42 -24.78 -14.21
CA GLU A 50 17.69 -24.83 -14.93
C GLU A 50 17.56 -24.41 -16.39
N GLU A 51 16.46 -24.80 -17.02
CA GLU A 51 16.19 -24.49 -18.41
C GLU A 51 15.74 -23.03 -18.59
N VAL A 52 14.72 -22.66 -17.84
CA VAL A 52 14.20 -21.29 -17.80
C VAL A 52 15.32 -20.27 -17.47
N ALA A 53 16.22 -20.65 -16.56
CA ALA A 53 17.33 -19.81 -16.13
C ALA A 53 18.31 -19.48 -17.27
N LYS A 54 18.64 -20.49 -18.08
CA LYS A 54 19.59 -20.30 -19.18
C LYS A 54 19.07 -19.33 -20.24
N ALA A 55 17.78 -19.42 -20.54
CA ALA A 55 17.12 -18.50 -21.46
C ALA A 55 17.05 -17.06 -20.93
N TYR A 56 16.76 -16.91 -19.63
CA TYR A 56 16.64 -15.59 -18.99
C TYR A 56 18.00 -14.90 -18.86
N GLU A 57 18.99 -15.68 -18.44
CA GLU A 57 20.37 -15.23 -18.32
C GLU A 57 20.94 -14.78 -19.67
N LYS A 58 20.40 -15.34 -20.76
CA LYS A 58 20.82 -15.01 -22.12
C LYS A 58 19.81 -14.14 -22.87
N GLU A 59 18.90 -13.48 -22.13
CA GLU A 59 17.96 -12.52 -22.72
C GLU A 59 18.05 -11.18 -22.00
N ALA A 60 18.04 -11.25 -20.67
CA ALA A 60 18.50 -10.16 -19.82
C ALA A 60 19.89 -10.60 -19.37
N GLY A 61 20.60 -9.74 -18.65
CA GLY A 61 21.94 -10.10 -18.20
C GLY A 61 22.04 -10.42 -16.73
N VAL A 62 21.11 -11.24 -16.23
CA VAL A 62 21.08 -11.58 -14.80
C VAL A 62 21.26 -13.07 -14.55
N LYS A 63 21.97 -13.42 -13.48
CA LYS A 63 22.23 -14.80 -13.12
C LYS A 63 21.14 -15.39 -12.22
N VAL A 64 20.48 -16.45 -12.72
CA VAL A 64 19.48 -17.16 -11.93
C VAL A 64 20.11 -18.40 -11.31
N THR A 65 20.13 -18.41 -9.98
CA THR A 65 20.64 -19.55 -9.22
C THR A 65 19.49 -20.20 -8.45
N LEU A 66 19.25 -21.47 -8.72
CA LEU A 66 18.15 -22.19 -8.08
C LEU A 66 18.53 -22.67 -6.70
N LYS A 67 17.53 -22.83 -5.84
CA LYS A 67 17.74 -23.35 -4.50
C LYS A 67 16.67 -24.37 -4.15
N THR A 68 17.05 -25.64 -4.22
CA THR A 68 16.21 -26.77 -3.86
C THR A 68 15.79 -26.67 -2.40
N GLY A 69 14.55 -27.07 -2.10
CA GLY A 69 14.07 -27.08 -0.72
C GLY A 69 12.68 -27.68 -0.54
N ASP A 70 11.98 -27.21 0.49
CA ASP A 70 10.56 -27.51 0.68
C ASP A 70 9.78 -26.20 0.66
N ALA A 71 8.83 -26.10 -0.27
CA ALA A 71 8.09 -24.86 -0.52
C ALA A 71 7.30 -24.33 0.68
N LEU A 72 6.42 -25.17 1.24
CA LEU A 72 5.57 -24.79 2.36
C LEU A 72 6.38 -24.43 3.61
N GLY A 73 7.39 -25.25 3.92
CA GLY A 73 8.31 -24.99 5.02
C GLY A 73 9.05 -23.67 4.86
N GLY A 74 9.49 -23.39 3.64
CA GLY A 74 10.16 -22.13 3.29
C GLY A 74 9.31 -20.90 3.52
N LEU A 75 8.01 -20.99 3.24
CA LEU A 75 7.06 -19.90 3.52
C LEU A 75 6.78 -19.73 5.03
N ASP A 76 6.92 -20.80 5.80
CA ASP A 76 6.76 -20.73 7.24
C ASP A 76 7.91 -19.94 7.84
N LYS A 77 9.14 -20.30 7.46
CA LYS A 77 10.35 -19.64 7.95
C LYS A 77 10.61 -18.28 7.29
N LEU A 78 9.56 -17.71 6.69
CA LEU A 78 9.62 -16.41 6.02
C LEU A 78 9.11 -15.31 6.94
N SER A 79 8.35 -15.71 7.96
CA SER A 79 7.87 -14.79 8.97
C SER A 79 9.07 -14.20 9.73
N LEU A 80 10.08 -15.05 9.95
CA LEU A 80 11.27 -14.70 10.72
C LEU A 80 12.49 -14.58 9.79
N ASP A 81 12.24 -14.20 8.54
CA ASP A 81 13.30 -14.06 7.54
C ASP A 81 13.36 -12.69 6.88
N ASN A 82 12.19 -12.08 6.71
CA ASN A 82 12.13 -10.72 6.19
C ASN A 82 12.79 -9.76 7.15
N GLN A 83 12.54 -9.95 8.44
CA GLN A 83 13.15 -9.14 9.50
C GLN A 83 14.68 -9.21 9.53
N ASN A 84 15.27 -10.07 8.69
CA ASN A 84 16.72 -10.10 8.49
C ASN A 84 17.16 -9.95 7.02
N GLY A 85 16.23 -10.14 6.09
CA GLY A 85 16.52 -9.97 4.67
C GLY A 85 17.14 -11.20 4.00
N ASN A 86 17.58 -12.18 4.80
CA ASN A 86 18.07 -13.46 4.28
C ASN A 86 16.97 -14.28 3.63
N VAL A 87 16.44 -13.75 2.52
CA VAL A 87 15.33 -14.34 1.78
C VAL A 87 15.72 -14.49 0.33
N PRO A 88 15.12 -15.47 -0.38
CA PRO A 88 15.36 -15.58 -1.82
C PRO A 88 14.54 -14.55 -2.60
N ASP A 89 14.99 -14.22 -3.80
CA ASP A 89 14.37 -13.17 -4.60
C ASP A 89 13.00 -13.57 -5.14
N VAL A 90 12.88 -14.84 -5.56
CA VAL A 90 11.63 -15.39 -6.06
C VAL A 90 11.37 -16.73 -5.37
N MET A 91 10.10 -17.02 -5.11
CA MET A 91 9.70 -18.37 -4.67
C MET A 91 8.26 -18.67 -5.09
N MET A 92 7.76 -19.85 -4.73
CA MET A 92 6.43 -20.29 -5.16
C MET A 92 5.50 -20.46 -3.95
N ALA A 93 4.22 -20.19 -4.13
CA ALA A 93 3.25 -20.27 -3.02
C ALA A 93 1.84 -20.60 -3.51
N PRO A 94 1.10 -21.43 -2.75
CA PRO A 94 -0.30 -21.70 -3.10
C PRO A 94 -1.19 -20.50 -2.82
N TYR A 95 -2.25 -20.34 -3.60
CA TYR A 95 -3.06 -19.12 -3.61
C TYR A 95 -3.58 -18.69 -2.25
N ASP A 96 -3.89 -19.65 -1.38
CA ASP A 96 -4.36 -19.34 -0.04
C ASP A 96 -3.24 -18.74 0.80
N ARG A 97 -2.01 -19.23 0.59
CA ARG A 97 -0.84 -18.71 1.31
C ARG A 97 -0.40 -17.35 0.75
N VAL A 98 -0.73 -17.08 -0.51
CA VAL A 98 -0.49 -15.78 -1.11
C VAL A 98 -1.27 -14.69 -0.36
N GLY A 99 -2.55 -14.95 -0.07
CA GLY A 99 -3.41 -13.98 0.61
C GLY A 99 -3.16 -13.82 2.10
N SER A 100 -2.77 -14.91 2.76
CA SER A 100 -2.46 -14.85 4.19
C SER A 100 -1.15 -14.09 4.38
N LEU A 101 -0.06 -14.63 3.84
CA LEU A 101 1.26 -13.98 3.90
C LEU A 101 1.22 -12.54 3.39
N GLY A 102 0.51 -12.31 2.29
CA GLY A 102 0.26 -10.97 1.79
C GLY A 102 -0.22 -10.06 2.90
N SER A 103 -1.43 -10.32 3.38
CA SER A 103 -2.07 -9.52 4.43
C SER A 103 -1.17 -9.31 5.63
N ASP A 104 -0.44 -10.35 6.02
CA ASP A 104 0.46 -10.29 7.16
C ASP A 104 1.84 -9.75 6.76
N GLY A 105 1.85 -8.81 5.80
CA GLY A 105 3.06 -8.10 5.35
C GLY A 105 4.33 -8.93 5.19
N GLN A 106 4.25 -10.03 4.43
CA GLN A 106 5.40 -10.92 4.28
C GLN A 106 5.90 -10.99 2.84
N LEU A 107 5.12 -10.42 1.93
CA LEU A 107 5.43 -10.49 0.52
C LEU A 107 5.29 -9.11 -0.08
N SER A 108 6.24 -8.78 -0.94
CA SER A 108 6.14 -7.57 -1.75
C SER A 108 4.95 -7.71 -2.69
N GLU A 109 4.37 -6.57 -3.09
CA GLU A 109 3.31 -6.56 -4.09
C GLU A 109 3.87 -6.98 -5.43
N VAL A 110 2.99 -7.49 -6.30
CA VAL A 110 3.36 -7.91 -7.65
C VAL A 110 2.56 -7.10 -8.65
N LYS A 111 3.23 -6.59 -9.68
CA LYS A 111 2.57 -5.92 -10.80
C LYS A 111 2.17 -6.96 -11.84
N LEU A 112 0.89 -7.04 -12.14
CA LEU A 112 0.39 -7.97 -13.17
C LEU A 112 0.55 -7.38 -14.56
N SER A 113 1.30 -8.06 -15.41
CA SER A 113 1.57 -7.59 -16.76
C SER A 113 0.62 -8.19 -17.78
N ASP A 114 0.51 -7.53 -18.92
CA ASP A 114 -0.31 -8.02 -20.03
C ASP A 114 0.18 -9.39 -20.53
N GLY A 115 1.47 -9.68 -20.37
CA GLY A 115 2.08 -10.92 -20.87
C GLY A 115 1.84 -12.11 -19.97
N ALA A 116 1.36 -11.83 -18.76
CA ALA A 116 0.98 -12.86 -17.79
C ALA A 116 -0.36 -13.49 -18.14
N LYS A 117 -1.15 -12.80 -18.97
CA LYS A 117 -2.46 -13.25 -19.44
C LYS A 117 -3.38 -13.72 -18.31
N THR A 118 -3.52 -12.90 -17.28
CA THR A 118 -4.37 -13.25 -16.16
C THR A 118 -5.81 -12.84 -16.44
N ASP A 119 -6.75 -13.76 -16.19
CA ASP A 119 -8.18 -13.47 -16.26
C ASP A 119 -8.66 -13.02 -14.89
N ASP A 120 -9.89 -12.51 -14.83
CA ASP A 120 -10.52 -12.06 -13.58
C ASP A 120 -10.40 -13.07 -12.43
N THR A 121 -10.59 -14.36 -12.73
CA THR A 121 -10.52 -15.39 -11.69
C THR A 121 -9.12 -15.73 -11.18
N THR A 122 -8.10 -15.60 -12.02
CA THR A 122 -6.71 -15.82 -11.56
C THR A 122 -6.17 -14.57 -10.85
N LYS A 123 -6.53 -13.40 -11.37
CA LYS A 123 -6.24 -12.13 -10.71
C LYS A 123 -6.83 -12.15 -9.32
N SER A 124 -8.14 -12.44 -9.26
CA SER A 124 -8.87 -12.72 -8.03
C SER A 124 -8.09 -13.62 -7.07
N LEU A 125 -7.40 -14.62 -7.60
CA LEU A 125 -6.71 -15.63 -6.79
C LEU A 125 -5.42 -15.16 -6.14
N VAL A 126 -4.90 -14.03 -6.62
CA VAL A 126 -3.66 -13.47 -6.09
C VAL A 126 -3.89 -12.10 -5.44
N THR A 127 -5.15 -11.69 -5.37
CA THR A 127 -5.55 -10.46 -4.67
C THR A 127 -5.96 -10.78 -3.23
N ALA A 128 -5.19 -10.29 -2.26
CA ALA A 128 -5.51 -10.47 -0.84
C ALA A 128 -6.69 -9.60 -0.39
N ALA A 129 -7.02 -9.70 0.89
CA ALA A 129 -8.25 -9.08 1.43
C ALA A 129 -8.32 -7.56 1.33
N ASN A 130 -7.16 -6.90 1.23
CA ASN A 130 -7.06 -5.46 1.49
C ASN A 130 -7.22 -4.37 0.38
N GLY A 131 -7.08 -4.66 -0.91
CA GLY A 131 -6.64 -5.91 -1.47
C GLY A 131 -5.69 -5.62 -2.63
N LYS A 132 -4.39 -5.67 -2.33
CA LYS A 132 -3.35 -5.58 -3.36
C LYS A 132 -2.98 -6.98 -3.82
N VAL A 133 -2.25 -7.06 -4.93
CA VAL A 133 -1.85 -8.34 -5.49
C VAL A 133 -0.55 -8.78 -4.81
N TYR A 134 -0.37 -10.08 -4.60
CA TYR A 134 0.83 -10.59 -3.92
C TYR A 134 1.53 -11.78 -4.63
N GLY A 135 1.18 -12.00 -5.88
CA GLY A 135 1.80 -13.04 -6.67
C GLY A 135 1.35 -12.99 -8.11
N ALA A 136 2.05 -13.75 -8.94
CA ALA A 136 1.63 -13.93 -10.32
C ALA A 136 1.25 -15.38 -10.48
N PRO A 137 0.02 -15.64 -10.94
CA PRO A 137 -0.52 -16.99 -11.05
C PRO A 137 0.34 -17.86 -11.97
N ALA A 138 0.81 -18.98 -11.45
CA ALA A 138 1.69 -19.89 -12.19
C ALA A 138 0.96 -21.13 -12.65
N VAL A 139 0.23 -21.73 -11.71
CA VAL A 139 -0.45 -23.02 -11.90
C VAL A 139 -1.86 -22.98 -11.29
N ILE A 140 -2.77 -23.75 -11.89
CA ILE A 140 -4.11 -23.94 -11.36
C ILE A 140 -4.44 -25.42 -11.21
N GLU A 141 -5.23 -25.76 -10.21
CA GLU A 141 -5.72 -27.12 -10.08
C GLU A 141 -7.11 -27.22 -9.48
N SER A 142 -7.73 -28.38 -9.68
CA SER A 142 -9.07 -28.65 -9.23
C SER A 142 -9.22 -30.15 -9.10
N LEU A 143 -10.21 -30.57 -8.32
CA LEU A 143 -10.58 -31.97 -8.24
C LEU A 143 -11.18 -32.40 -9.57
N VAL A 144 -11.01 -33.66 -9.92
CA VAL A 144 -11.62 -34.21 -11.14
C VAL A 144 -12.31 -35.52 -10.85
N MET A 145 -13.06 -36.01 -11.85
CA MET A 145 -13.55 -37.38 -11.80
C MET A 145 -12.63 -38.27 -12.60
N TYR A 146 -12.23 -39.38 -11.98
CA TYR A 146 -11.59 -40.48 -12.69
C TYR A 146 -12.63 -41.57 -12.88
N TYR A 147 -12.70 -42.13 -14.07
CA TYR A 147 -13.57 -43.28 -14.29
C TYR A 147 -12.83 -44.44 -14.94
N ASN A 148 -13.34 -45.64 -14.68
CA ASN A 148 -12.76 -46.83 -15.26
C ASN A 148 -13.40 -47.16 -16.60
N LYS A 149 -12.62 -47.09 -17.67
CA LYS A 149 -13.16 -47.33 -19.02
C LYS A 149 -13.57 -48.78 -19.28
N ASP A 150 -13.04 -49.71 -18.48
CA ASP A 150 -13.40 -51.12 -18.59
C ASP A 150 -14.76 -51.38 -17.96
N LEU A 151 -15.24 -50.42 -17.17
CA LEU A 151 -16.49 -50.57 -16.46
C LEU A 151 -17.61 -49.73 -17.07
N VAL A 152 -17.27 -48.59 -17.67
CA VAL A 152 -18.25 -47.74 -18.36
C VAL A 152 -17.76 -47.26 -19.73
N LYS A 153 -18.67 -47.14 -20.70
CA LYS A 153 -18.28 -46.57 -22.00
C LYS A 153 -18.03 -45.05 -21.94
N ASP A 154 -18.86 -44.34 -21.18
CA ASP A 154 -18.76 -42.87 -21.09
C ASP A 154 -18.63 -42.34 -19.66
N ALA A 155 -17.87 -41.25 -19.54
CA ALA A 155 -17.79 -40.51 -18.29
C ALA A 155 -19.20 -40.14 -17.83
N PRO A 156 -19.57 -40.50 -16.59
CA PRO A 156 -20.89 -40.12 -16.13
C PRO A 156 -21.03 -38.61 -16.21
N LYS A 157 -22.13 -38.14 -16.80
CA LYS A 157 -22.29 -36.71 -17.03
C LYS A 157 -22.97 -36.00 -15.87
N THR A 158 -23.76 -36.74 -15.08
CA THR A 158 -24.50 -36.18 -13.94
C THR A 158 -24.49 -37.11 -12.73
N PHE A 159 -24.90 -36.59 -11.59
CA PHE A 159 -24.97 -37.38 -10.37
C PHE A 159 -26.02 -38.48 -10.39
N ALA A 160 -27.11 -38.23 -11.12
CA ALA A 160 -28.11 -39.26 -11.35
C ALA A 160 -27.43 -40.47 -11.99
N ASP A 161 -26.65 -40.23 -13.03
CA ASP A 161 -25.94 -41.30 -13.74
C ASP A 161 -25.19 -42.19 -12.75
N LEU A 162 -24.50 -41.57 -11.79
CA LEU A 162 -23.76 -42.28 -10.76
C LEU A 162 -24.68 -43.06 -9.81
N GLU A 163 -25.85 -42.49 -9.53
CA GLU A 163 -26.83 -43.18 -8.72
C GLU A 163 -27.27 -44.48 -9.42
N ASN A 164 -27.55 -44.39 -10.72
CA ASN A 164 -27.94 -45.58 -11.52
C ASN A 164 -26.89 -46.70 -11.56
N LEU A 165 -25.61 -46.36 -11.40
CA LEU A 165 -24.54 -47.35 -11.37
C LEU A 165 -24.46 -48.07 -10.03
N ALA A 166 -24.98 -47.43 -8.98
CA ALA A 166 -25.06 -48.05 -7.65
C ALA A 166 -26.22 -49.02 -7.59
N LYS A 167 -27.10 -48.91 -8.59
CA LYS A 167 -28.24 -49.80 -8.76
C LYS A 167 -27.77 -51.17 -9.27
N ASP A 168 -26.81 -51.15 -10.19
CA ASP A 168 -26.27 -52.36 -10.81
C ASP A 168 -25.58 -53.24 -9.77
N SER A 169 -25.98 -54.51 -9.78
CA SER A 169 -25.55 -55.51 -8.80
C SER A 169 -24.05 -55.80 -8.83
N LYS A 170 -23.46 -55.68 -10.01
CA LYS A 170 -22.04 -56.04 -10.22
C LYS A 170 -21.06 -55.14 -9.47
N TYR A 171 -21.58 -54.22 -8.67
CA TYR A 171 -20.75 -53.30 -7.89
C TYR A 171 -20.91 -53.52 -6.38
N ALA A 172 -21.75 -54.49 -6.02
CA ALA A 172 -22.03 -54.81 -4.62
C ALA A 172 -20.76 -55.11 -3.83
N PHE A 173 -20.68 -54.54 -2.63
CA PHE A 173 -19.51 -54.71 -1.78
C PHE A 173 -19.57 -56.06 -1.07
N ALA A 174 -18.56 -56.89 -1.32
CA ALA A 174 -18.44 -58.17 -0.62
C ALA A 174 -17.89 -57.96 0.80
N GLY A 175 -18.71 -58.29 1.78
CA GLY A 175 -18.33 -58.07 3.19
C GLY A 175 -19.53 -57.65 4.01
N GLU A 176 -20.41 -56.87 3.38
CA GLU A 176 -21.72 -56.50 3.93
C GLU A 176 -22.68 -56.23 2.77
N ASP A 177 -23.93 -55.96 3.10
CA ASP A 177 -24.90 -55.53 2.09
C ASP A 177 -25.92 -54.59 2.74
N GLY A 178 -26.69 -53.85 1.93
CA GLY A 178 -26.49 -53.77 0.49
C GLY A 178 -25.69 -52.53 0.16
N LYS A 179 -24.39 -52.71 0.00
CA LYS A 179 -23.49 -51.59 -0.30
C LYS A 179 -22.90 -51.72 -1.70
N THR A 180 -22.54 -50.59 -2.31
CA THR A 180 -21.76 -50.60 -3.56
C THR A 180 -20.42 -49.94 -3.41
N THR A 181 -19.62 -50.12 -4.46
CA THR A 181 -18.39 -49.38 -4.64
C THR A 181 -18.46 -48.72 -6.02
N ALA A 182 -19.65 -48.68 -6.61
CA ALA A 182 -19.85 -48.09 -7.94
C ALA A 182 -19.34 -46.65 -8.04
N PHE A 183 -19.44 -45.89 -6.95
CA PHE A 183 -18.92 -44.53 -6.89
C PHE A 183 -18.48 -44.25 -5.48
N LEU A 184 -17.26 -43.77 -5.32
CA LEU A 184 -16.75 -43.43 -3.99
C LEU A 184 -16.08 -42.09 -4.02
N ALA A 185 -16.36 -41.28 -3.00
CA ALA A 185 -15.71 -40.00 -2.82
C ALA A 185 -15.35 -39.88 -1.35
N ASP A 186 -14.25 -39.19 -1.07
CA ASP A 186 -13.79 -39.01 0.30
C ASP A 186 -14.54 -37.85 0.91
N TRP A 187 -15.78 -38.10 1.30
CA TRP A 187 -16.70 -37.03 1.67
C TRP A 187 -16.73 -36.69 3.17
N THR A 188 -15.76 -37.22 3.92
CA THR A 188 -15.53 -36.79 5.30
C THR A 188 -14.45 -35.71 5.29
N ASN A 189 -13.88 -35.48 4.10
CA ASN A 189 -12.88 -34.47 3.84
C ASN A 189 -13.54 -33.19 3.32
N PHE A 190 -13.38 -32.10 4.07
CA PHE A 190 -13.99 -30.84 3.70
C PHE A 190 -13.59 -30.36 2.32
N TYR A 191 -12.30 -30.51 1.98
CA TYR A 191 -11.80 -30.12 0.67
C TYR A 191 -12.49 -30.89 -0.44
N TYR A 192 -12.73 -32.16 -0.22
CA TYR A 192 -13.38 -33.00 -1.21
C TYR A 192 -14.85 -32.67 -1.28
N THR A 193 -15.45 -32.49 -0.11
CA THR A 193 -16.88 -32.32 0.03
C THR A 193 -17.37 -30.90 -0.28
N TYR A 194 -16.47 -29.92 -0.32
CA TYR A 194 -16.92 -28.53 -0.51
C TYR A 194 -17.75 -28.27 -1.77
N GLY A 195 -17.33 -28.87 -2.90
CA GLY A 195 -18.05 -28.72 -4.17
C GLY A 195 -19.51 -29.11 -4.09
N LEU A 196 -19.76 -30.23 -3.43
CA LEU A 196 -21.10 -30.75 -3.15
C LEU A 196 -21.96 -29.74 -2.36
N LEU A 197 -21.36 -29.13 -1.35
CA LEU A 197 -22.07 -28.18 -0.52
C LEU A 197 -22.32 -26.86 -1.27
N ALA A 198 -21.26 -26.27 -1.80
CA ALA A 198 -21.37 -24.98 -2.49
C ALA A 198 -22.25 -25.08 -3.72
N GLY A 199 -22.16 -26.20 -4.43
CA GLY A 199 -22.98 -26.44 -5.62
C GLY A 199 -24.47 -26.41 -5.29
N ASN A 200 -24.79 -26.73 -4.03
CA ASN A 200 -26.15 -26.69 -3.54
C ASN A 200 -26.54 -25.34 -2.93
N GLY A 201 -25.56 -24.46 -2.78
CA GLY A 201 -25.80 -23.09 -2.33
C GLY A 201 -25.02 -22.65 -1.11
N ALA A 202 -24.15 -23.53 -0.60
CA ALA A 202 -23.34 -23.22 0.57
C ALA A 202 -22.17 -22.33 0.22
N TYR A 203 -21.54 -21.75 1.24
CA TYR A 203 -20.29 -21.01 1.11
C TYR A 203 -19.61 -20.91 2.48
N VAL A 204 -18.29 -20.89 2.49
CA VAL A 204 -17.56 -20.66 3.72
C VAL A 204 -17.83 -19.22 4.18
N PHE A 205 -17.19 -18.24 3.54
CA PHE A 205 -17.40 -16.82 3.90
C PHE A 205 -18.10 -15.99 2.81
N GLY A 206 -18.85 -14.98 3.25
CA GLY A 206 -19.50 -14.02 2.36
C GLY A 206 -18.53 -13.11 1.62
N GLN A 207 -19.04 -12.37 0.63
CA GLN A 207 -18.24 -11.55 -0.33
C GLN A 207 -17.13 -12.37 -0.98
N ASN A 208 -17.53 -13.46 -1.64
CA ASN A 208 -16.58 -14.41 -2.22
C ASN A 208 -15.38 -14.64 -1.30
N GLY A 209 -15.68 -15.11 -0.08
CA GLY A 209 -14.67 -15.44 0.92
C GLY A 209 -13.96 -14.26 1.55
N LYS A 210 -14.71 -13.22 1.91
CA LYS A 210 -14.15 -12.02 2.56
C LYS A 210 -14.85 -11.61 3.86
N ASP A 211 -16.17 -11.78 3.92
CA ASP A 211 -16.95 -11.47 5.11
C ASP A 211 -16.92 -12.64 6.12
N ALA A 212 -16.12 -12.47 7.17
CA ALA A 212 -15.99 -13.49 8.21
C ALA A 212 -17.20 -13.52 9.14
N LYS A 213 -18.07 -12.53 9.03
CA LYS A 213 -19.32 -12.47 9.80
C LYS A 213 -20.43 -13.24 9.09
N ASP A 214 -20.22 -13.54 7.81
CA ASP A 214 -21.22 -14.22 6.99
C ASP A 214 -20.73 -15.62 6.61
N ILE A 215 -21.13 -16.61 7.42
CA ILE A 215 -20.75 -18.00 7.20
C ILE A 215 -21.95 -18.79 6.70
N GLY A 216 -21.83 -19.39 5.52
CA GLY A 216 -22.93 -20.14 4.93
C GLY A 216 -22.83 -21.65 4.96
N LEU A 217 -22.05 -22.21 5.89
CA LEU A 217 -21.93 -23.66 6.01
C LEU A 217 -23.10 -24.33 6.76
N ALA A 218 -24.13 -23.53 7.09
CA ALA A 218 -25.35 -24.07 7.66
C ALA A 218 -26.61 -23.53 6.98
N ASN A 219 -26.46 -22.98 5.78
CA ASN A 219 -27.63 -22.54 5.02
C ASN A 219 -28.36 -23.73 4.37
N ASP A 220 -29.57 -23.48 3.86
CA ASP A 220 -30.40 -24.57 3.37
C ASP A 220 -29.72 -25.45 2.30
N GLY A 221 -28.96 -24.83 1.40
CA GLY A 221 -28.16 -25.58 0.44
C GLY A 221 -27.10 -26.47 1.09
N SER A 222 -26.41 -25.93 2.09
CA SER A 222 -25.42 -26.68 2.84
C SER A 222 -26.02 -27.93 3.45
N ILE A 223 -27.26 -27.80 3.93
CA ILE A 223 -27.93 -28.92 4.58
C ILE A 223 -28.30 -30.03 3.59
N VAL A 224 -28.87 -29.66 2.44
CA VAL A 224 -29.29 -30.70 1.50
C VAL A 224 -28.06 -31.41 0.96
N GLY A 225 -26.99 -30.65 0.76
CA GLY A 225 -25.70 -31.21 0.37
C GLY A 225 -25.22 -32.26 1.35
N ILE A 226 -25.23 -31.90 2.63
CA ILE A 226 -24.82 -32.81 3.70
C ILE A 226 -25.68 -34.07 3.69
N ASN A 227 -27.00 -33.90 3.56
CA ASN A 227 -27.94 -35.03 3.50
C ASN A 227 -27.68 -35.92 2.31
N TYR A 228 -27.28 -35.30 1.19
CA TYR A 228 -26.94 -36.02 -0.02
C TYR A 228 -25.73 -36.94 0.21
N ALA A 229 -24.72 -36.44 0.90
CA ALA A 229 -23.56 -37.26 1.25
C ALA A 229 -24.03 -38.40 2.13
N LYS A 230 -24.83 -38.06 3.14
CA LYS A 230 -25.43 -39.03 4.05
C LYS A 230 -26.15 -40.16 3.29
N SER A 231 -26.98 -39.78 2.31
CA SER A 231 -27.67 -40.75 1.43
C SER A 231 -26.73 -41.73 0.74
N TRP A 232 -25.52 -41.28 0.41
CA TRP A 232 -24.53 -42.19 -0.16
C TRP A 232 -23.96 -43.13 0.91
N TYR A 233 -23.47 -42.55 2.00
CA TYR A 233 -22.84 -43.32 3.09
C TYR A 233 -23.71 -44.44 3.65
N GLU A 234 -25.02 -44.28 3.58
CA GLU A 234 -25.92 -45.37 3.96
C GLU A 234 -25.84 -46.55 2.99
N LYS A 235 -25.36 -46.28 1.78
CA LYS A 235 -25.21 -47.33 0.78
C LYS A 235 -23.74 -47.67 0.51
N TRP A 236 -22.84 -47.14 1.35
CA TRP A 236 -21.39 -47.39 1.21
C TRP A 236 -20.81 -48.30 2.28
N PRO A 237 -19.74 -49.05 1.95
CA PRO A 237 -19.03 -49.88 2.91
C PRO A 237 -18.64 -49.03 4.13
N LYS A 238 -18.84 -49.55 5.34
CA LYS A 238 -18.64 -48.73 6.55
C LYS A 238 -17.21 -48.24 6.75
N GLY A 239 -16.26 -48.87 6.04
CA GLY A 239 -14.87 -48.40 6.02
C GLY A 239 -14.75 -46.96 5.53
N MET A 240 -15.70 -46.53 4.71
CA MET A 240 -15.78 -45.15 4.21
C MET A 240 -15.90 -44.14 5.34
N GLN A 241 -16.31 -44.61 6.52
CA GLN A 241 -16.51 -43.75 7.69
C GLN A 241 -15.27 -43.69 8.57
N ASP A 242 -14.18 -44.28 8.10
CA ASP A 242 -12.92 -44.34 8.84
C ASP A 242 -12.46 -42.94 9.24
N THR A 243 -12.20 -42.79 10.54
CA THR A 243 -11.77 -41.52 11.16
C THR A 243 -10.43 -40.99 10.60
N GLU A 244 -9.75 -41.83 9.81
CA GLU A 244 -8.52 -41.43 9.10
C GLU A 244 -8.56 -41.83 7.62
N GLY A 245 -7.95 -42.96 7.29
CA GLY A 245 -7.74 -43.39 5.89
C GLY A 245 -8.91 -43.96 5.10
N ALA A 246 -9.89 -43.12 4.79
CA ALA A 246 -10.91 -43.44 3.78
C ALA A 246 -10.29 -43.50 2.37
N GLY A 247 -9.38 -42.56 2.11
CA GLY A 247 -8.71 -42.45 0.82
C GLY A 247 -8.12 -43.76 0.34
N ASN A 248 -7.41 -44.46 1.23
CA ASN A 248 -6.77 -45.73 0.90
C ASN A 248 -7.74 -46.77 0.39
N LEU A 249 -8.88 -46.89 1.06
CA LEU A 249 -9.94 -47.78 0.64
C LEU A 249 -10.42 -47.41 -0.76
N ILE A 250 -10.71 -46.12 -0.96
CA ILE A 250 -11.14 -45.58 -2.25
C ILE A 250 -10.10 -45.87 -3.32
N GLN A 251 -8.83 -45.60 -3.01
CA GLN A 251 -7.76 -45.85 -3.95
C GLN A 251 -7.70 -47.34 -4.30
N THR A 252 -7.69 -48.19 -3.27
CA THR A 252 -7.66 -49.63 -3.43
C THR A 252 -8.76 -50.09 -4.39
N GLN A 253 -9.99 -49.66 -4.11
CA GLN A 253 -11.17 -50.10 -4.85
C GLN A 253 -11.10 -49.72 -6.32
N PHE A 254 -10.64 -48.50 -6.61
CA PHE A 254 -10.46 -48.06 -7.99
C PHE A 254 -9.37 -48.86 -8.70
N GLN A 255 -8.25 -49.13 -8.00
CA GLN A 255 -7.14 -49.88 -8.57
C GLN A 255 -7.46 -51.35 -8.86
N GLU A 256 -8.15 -52.00 -7.93
CA GLU A 256 -8.59 -53.38 -8.12
C GLU A 256 -9.76 -53.46 -9.10
N GLY A 257 -10.19 -52.29 -9.58
CA GLY A 257 -11.26 -52.20 -10.57
C GLY A 257 -12.65 -52.52 -10.06
N LYS A 258 -12.91 -52.19 -8.79
CA LYS A 258 -14.23 -52.40 -8.19
C LYS A 258 -15.18 -51.20 -8.24
N THR A 259 -14.64 -50.01 -8.50
CA THR A 259 -15.49 -48.80 -8.64
C THR A 259 -15.40 -48.20 -10.04
N ALA A 260 -16.52 -47.61 -10.48
CA ALA A 260 -16.68 -47.05 -11.83
C ALA A 260 -16.20 -45.61 -11.96
N ALA A 261 -16.34 -44.84 -10.88
CA ALA A 261 -15.95 -43.44 -10.86
C ALA A 261 -15.64 -42.93 -9.45
N ILE A 262 -14.64 -42.06 -9.33
CA ILE A 262 -14.27 -41.42 -8.05
C ILE A 262 -14.02 -39.92 -8.24
N ILE A 263 -14.04 -39.17 -7.15
CA ILE A 263 -13.62 -37.78 -7.17
C ILE A 263 -12.25 -37.69 -6.49
N ASP A 264 -11.28 -37.08 -7.15
CA ASP A 264 -9.95 -36.93 -6.56
C ASP A 264 -9.14 -35.92 -7.38
N GLY A 265 -7.96 -35.56 -6.89
CA GLY A 265 -7.12 -34.58 -7.54
C GLY A 265 -6.26 -35.18 -8.63
N PRO A 266 -5.51 -34.30 -9.35
CA PRO A 266 -4.61 -34.72 -10.42
C PRO A 266 -3.39 -35.44 -9.85
N TRP A 267 -3.15 -35.22 -8.57
CA TRP A 267 -2.02 -35.81 -7.84
C TRP A 267 -2.14 -37.33 -7.68
N LYS A 268 -3.32 -37.89 -7.99
CA LYS A 268 -3.54 -39.34 -7.90
C LYS A 268 -3.29 -40.09 -9.22
N ALA A 269 -3.22 -39.34 -10.32
CA ALA A 269 -3.03 -39.89 -11.66
C ALA A 269 -1.95 -40.96 -11.75
N GLN A 270 -0.74 -40.62 -11.33
CA GLN A 270 0.39 -41.54 -11.38
C GLN A 270 0.05 -42.89 -10.73
N ALA A 271 -0.40 -42.84 -9.48
CA ALA A 271 -0.78 -44.03 -8.75
C ALA A 271 -1.65 -44.96 -9.61
N PHE A 272 -2.62 -44.39 -10.32
CA PHE A 272 -3.49 -45.20 -11.17
C PHE A 272 -2.75 -45.69 -12.41
N LYS A 273 -1.87 -44.86 -12.96
CA LYS A 273 -1.01 -45.28 -14.07
C LYS A 273 -0.24 -46.53 -13.67
N ASP A 274 0.51 -46.43 -12.57
CA ASP A 274 1.29 -47.53 -12.00
C ASP A 274 0.49 -48.81 -11.88
N ALA A 275 -0.73 -48.68 -11.38
CA ALA A 275 -1.64 -49.81 -11.19
C ALA A 275 -2.32 -50.30 -12.48
N LYS A 276 -1.82 -49.84 -13.62
CA LYS A 276 -2.30 -50.26 -14.96
C LYS A 276 -3.82 -50.26 -15.09
N VAL A 277 -4.46 -49.23 -14.55
CA VAL A 277 -5.91 -49.08 -14.66
C VAL A 277 -6.24 -48.34 -15.95
N ASN A 278 -7.22 -48.82 -16.68
CA ASN A 278 -7.65 -48.12 -17.89
C ASN A 278 -8.62 -46.98 -17.57
N TYR A 279 -8.08 -45.89 -17.00
CA TYR A 279 -8.91 -44.77 -16.56
C TYR A 279 -9.09 -43.67 -17.61
N GLY A 280 -10.16 -42.91 -17.46
CA GLY A 280 -10.34 -41.67 -18.20
C GLY A 280 -10.61 -40.56 -17.20
N VAL A 281 -10.49 -39.31 -17.64
CA VAL A 281 -10.71 -38.18 -16.75
C VAL A 281 -11.70 -37.15 -17.31
N ALA A 282 -12.76 -36.88 -16.57
CA ALA A 282 -13.75 -35.86 -16.97
C ALA A 282 -14.05 -34.87 -15.86
N THR A 283 -14.87 -33.88 -16.17
CA THR A 283 -15.32 -32.93 -15.18
C THR A 283 -16.23 -33.64 -14.18
N ILE A 284 -16.20 -33.19 -12.93
CA ILE A 284 -17.07 -33.78 -11.92
C ILE A 284 -18.51 -33.65 -12.42
N PRO A 285 -19.28 -34.77 -12.39
CA PRO A 285 -20.65 -34.73 -12.89
C PRO A 285 -21.42 -33.62 -12.20
N THR A 286 -22.42 -33.09 -12.89
CA THR A 286 -23.22 -32.00 -12.37
C THR A 286 -24.23 -32.54 -11.38
N LEU A 287 -24.51 -31.74 -10.36
CA LEU A 287 -25.38 -32.12 -9.22
C LEU A 287 -26.82 -32.34 -9.65
N PRO A 288 -27.62 -33.06 -8.84
CA PRO A 288 -29.02 -33.27 -9.23
C PRO A 288 -29.81 -31.95 -9.39
N ASN A 289 -29.42 -30.89 -8.68
CA ASN A 289 -30.03 -29.57 -8.83
C ASN A 289 -29.62 -28.86 -10.13
N GLY A 290 -28.67 -29.45 -10.85
CA GLY A 290 -28.23 -28.92 -12.15
C GLY A 290 -27.06 -27.94 -12.13
N LYS A 291 -26.53 -27.66 -10.95
CA LYS A 291 -25.35 -26.81 -10.81
C LYS A 291 -24.08 -27.66 -10.83
N GLU A 292 -22.98 -27.07 -11.28
CA GLU A 292 -21.70 -27.78 -11.36
C GLU A 292 -21.11 -27.99 -9.97
N TYR A 293 -20.24 -28.98 -9.84
CA TYR A 293 -19.59 -29.29 -8.57
C TYR A 293 -18.59 -28.19 -8.25
N ALA A 294 -19.01 -27.25 -7.42
CA ALA A 294 -18.26 -26.03 -7.12
C ALA A 294 -17.02 -26.25 -6.23
N ALA A 295 -16.02 -26.98 -6.73
CA ALA A 295 -14.81 -27.28 -5.95
C ALA A 295 -14.01 -26.03 -5.64
N PHE A 296 -13.06 -26.15 -4.72
CA PHE A 296 -12.10 -25.07 -4.46
C PHE A 296 -11.19 -24.94 -5.66
N GLY A 297 -10.94 -23.71 -6.11
CA GLY A 297 -9.97 -23.47 -7.17
C GLY A 297 -8.59 -23.49 -6.57
N GLY A 298 -7.78 -24.47 -6.95
CA GLY A 298 -6.44 -24.61 -6.39
C GLY A 298 -5.39 -23.94 -7.25
N GLY A 299 -4.12 -24.30 -7.01
CA GLY A 299 -3.02 -23.81 -7.81
C GLY A 299 -1.97 -22.99 -7.07
N LYS A 300 -0.99 -22.48 -7.81
CA LYS A 300 0.15 -21.79 -7.21
C LYS A 300 0.49 -20.48 -7.92
N ALA A 301 1.20 -19.60 -7.19
CA ALA A 301 1.66 -18.33 -7.72
C ALA A 301 3.15 -18.15 -7.47
N TRP A 302 3.81 -17.43 -8.39
CA TRP A 302 5.17 -16.95 -8.15
C TRP A 302 5.10 -15.70 -7.26
N VAL A 303 5.81 -15.75 -6.14
CA VAL A 303 5.76 -14.66 -5.14
C VAL A 303 7.14 -14.10 -4.75
N ILE A 304 7.12 -12.86 -4.29
CA ILE A 304 8.33 -12.14 -3.91
C ILE A 304 8.31 -11.82 -2.42
N PRO A 305 9.28 -12.36 -1.65
CA PRO A 305 9.43 -11.97 -0.24
C PRO A 305 9.49 -10.45 -0.09
N GLN A 306 9.01 -9.92 1.02
CA GLN A 306 8.91 -8.46 1.14
C GLN A 306 10.26 -7.75 1.34
N ALA A 307 11.23 -8.45 1.92
CA ALA A 307 12.55 -7.88 2.14
C ALA A 307 13.58 -8.26 1.07
N VAL A 308 13.12 -8.48 -0.16
CA VAL A 308 14.04 -8.82 -1.26
C VAL A 308 15.02 -7.68 -1.53
N LYS A 309 16.20 -8.03 -2.02
CA LYS A 309 17.27 -7.06 -2.26
C LYS A 309 17.02 -6.09 -3.41
N ASN A 310 16.11 -6.43 -4.32
CA ASN A 310 15.74 -5.55 -5.44
C ASN A 310 14.36 -5.92 -6.03
N LEU A 311 13.32 -5.27 -5.52
CA LEU A 311 11.94 -5.56 -5.93
C LEU A 311 11.71 -5.48 -7.44
N GLU A 312 12.39 -4.55 -8.10
CA GLU A 312 12.27 -4.43 -9.55
C GLU A 312 12.86 -5.62 -10.30
N ALA A 313 14.04 -6.05 -9.87
CA ALA A 313 14.75 -7.17 -10.50
C ALA A 313 13.90 -8.43 -10.43
N SER A 314 13.34 -8.68 -9.24
CA SER A 314 12.41 -9.78 -8.99
C SER A 314 11.18 -9.72 -9.89
N GLN A 315 10.46 -8.60 -9.83
CA GLN A 315 9.29 -8.36 -10.67
C GLN A 315 9.55 -8.73 -12.14
N LYS A 316 10.71 -8.33 -12.65
CA LYS A 316 11.14 -8.61 -14.02
C LYS A 316 11.24 -10.10 -14.34
N PHE A 317 11.78 -10.85 -13.38
CA PHE A 317 11.96 -12.28 -13.56
C PHE A 317 10.65 -13.04 -13.40
N VAL A 318 9.79 -12.54 -12.51
CA VAL A 318 8.46 -13.10 -12.30
C VAL A 318 7.61 -12.87 -13.55
N ASP A 319 7.77 -11.69 -14.18
CA ASP A 319 7.15 -11.39 -15.47
C ASP A 319 7.62 -12.39 -16.51
N PHE A 320 8.92 -12.65 -16.52
CA PHE A 320 9.48 -13.66 -17.39
C PHE A 320 8.92 -15.06 -17.08
N LEU A 321 8.66 -15.34 -15.80
CA LEU A 321 8.11 -16.64 -15.38
C LEU A 321 6.67 -16.88 -15.81
N VAL A 322 5.83 -15.85 -15.78
CA VAL A 322 4.42 -16.04 -16.17
C VAL A 322 4.11 -15.73 -17.66
N ALA A 323 5.14 -15.28 -18.40
CA ALA A 323 5.01 -15.03 -19.82
C ALA A 323 4.81 -16.33 -20.62
N THR A 324 3.92 -16.29 -21.60
CA THR A 324 3.44 -17.49 -22.28
C THR A 324 4.47 -18.62 -22.52
N GLU A 325 5.66 -18.30 -22.99
CA GLU A 325 6.64 -19.36 -23.28
C GLU A 325 7.06 -20.18 -22.06
N GLN A 326 7.49 -19.51 -21.00
CA GLN A 326 7.90 -20.19 -19.77
C GLN A 326 6.76 -21.00 -19.19
N GLN A 327 5.56 -20.43 -19.23
CA GLN A 327 4.38 -21.11 -18.76
C GLN A 327 4.11 -22.37 -19.60
N LYS A 328 4.27 -22.25 -20.91
CA LYS A 328 4.18 -23.39 -21.84
C LYS A 328 5.21 -24.47 -21.49
N VAL A 329 6.40 -24.03 -21.11
CA VAL A 329 7.50 -24.89 -20.74
C VAL A 329 7.23 -25.55 -19.40
N LEU A 330 6.58 -24.80 -18.50
CA LEU A 330 6.22 -25.31 -17.18
C LEU A 330 5.38 -26.59 -17.29
N TYR A 331 4.35 -26.56 -18.12
CA TYR A 331 3.53 -27.73 -18.39
C TYR A 331 4.35 -28.84 -19.05
N ASP A 332 5.10 -28.50 -20.10
CA ASP A 332 5.98 -29.44 -20.80
C ASP A 332 6.86 -30.27 -19.86
N LYS A 333 7.33 -29.65 -18.78
CA LYS A 333 8.32 -30.27 -17.93
C LYS A 333 7.76 -30.85 -16.63
N THR A 334 6.49 -30.53 -16.32
CA THR A 334 5.93 -30.90 -15.02
C THR A 334 4.49 -31.37 -15.08
N ASN A 335 3.81 -31.15 -16.20
CA ASN A 335 2.40 -31.53 -16.37
C ASN A 335 1.44 -30.62 -15.59
N GLU A 336 1.99 -29.65 -14.88
CA GLU A 336 1.18 -28.70 -14.13
C GLU A 336 0.41 -27.78 -15.07
N ILE A 337 -0.87 -27.61 -14.80
CA ILE A 337 -1.73 -26.80 -15.64
C ILE A 337 -1.44 -25.31 -15.42
N PRO A 338 -1.02 -24.60 -16.49
CA PRO A 338 -0.64 -23.17 -16.44
C PRO A 338 -1.79 -22.19 -16.11
N ALA A 339 -1.48 -21.15 -15.36
CA ALA A 339 -2.44 -20.09 -15.08
C ALA A 339 -2.57 -19.12 -16.26
N ASN A 340 -1.43 -18.74 -16.86
CA ASN A 340 -1.44 -17.93 -18.07
C ASN A 340 -2.35 -18.55 -19.11
N THR A 341 -3.40 -17.81 -19.48
CA THR A 341 -4.47 -18.37 -20.31
C THR A 341 -4.01 -18.86 -21.67
N GLU A 342 -2.96 -18.22 -22.21
CA GLU A 342 -2.44 -18.61 -23.51
C GLU A 342 -1.81 -19.99 -23.45
N ALA A 343 -0.94 -20.18 -22.46
CA ALA A 343 -0.28 -21.46 -22.21
C ALA A 343 -1.31 -22.50 -21.76
N ARG A 344 -2.39 -22.03 -21.13
CA ARG A 344 -3.48 -22.91 -20.74
C ARG A 344 -4.12 -23.55 -21.96
N SER A 345 -4.39 -22.76 -23.01
CA SER A 345 -4.95 -23.29 -24.27
C SER A 345 -3.95 -24.22 -24.93
N TYR A 346 -2.67 -23.88 -24.84
CA TYR A 346 -1.60 -24.75 -25.30
C TYR A 346 -1.73 -26.08 -24.59
N ALA A 347 -1.90 -26.00 -23.27
CA ALA A 347 -2.09 -27.18 -22.45
C ALA A 347 -3.36 -27.93 -22.88
N GLU A 348 -4.44 -27.19 -23.09
CA GLU A 348 -5.68 -27.80 -23.57
C GLU A 348 -5.45 -28.52 -24.89
N GLY A 349 -4.64 -27.91 -25.75
CA GLY A 349 -4.38 -28.42 -27.09
C GLY A 349 -3.65 -29.75 -27.13
N LYS A 350 -3.06 -30.15 -26.00
CA LYS A 350 -2.34 -31.42 -25.87
C LYS A 350 -3.25 -32.64 -25.92
N ASN A 351 -4.56 -32.40 -25.94
CA ASN A 351 -5.58 -33.45 -25.95
C ASN A 351 -5.34 -34.57 -24.94
N ASP A 352 -5.02 -34.19 -23.70
CA ASP A 352 -4.82 -35.12 -22.58
C ASP A 352 -5.98 -34.98 -21.57
N GLU A 353 -6.56 -36.11 -21.20
CA GLU A 353 -7.80 -36.11 -20.45
C GLU A 353 -7.72 -35.38 -19.10
N LEU A 354 -6.64 -35.64 -18.37
CA LEU A 354 -6.45 -35.02 -17.08
C LEU A 354 -6.31 -33.51 -17.22
N THR A 355 -5.43 -33.07 -18.12
CA THR A 355 -5.20 -31.65 -18.33
C THR A 355 -6.50 -30.93 -18.62
N THR A 356 -7.21 -31.38 -19.65
CA THR A 356 -8.48 -30.80 -20.08
C THR A 356 -9.53 -30.78 -18.95
N ALA A 357 -9.73 -31.91 -18.28
CA ALA A 357 -10.71 -31.96 -17.19
C ALA A 357 -10.42 -30.91 -16.12
N VAL A 358 -9.15 -30.80 -15.71
CA VAL A 358 -8.74 -29.79 -14.74
C VAL A 358 -9.08 -28.40 -15.28
N ILE A 359 -8.69 -28.16 -16.53
CA ILE A 359 -8.97 -26.89 -17.19
C ILE A 359 -10.48 -26.57 -17.14
N LYS A 360 -11.30 -27.54 -17.50
CA LYS A 360 -12.75 -27.29 -17.65
C LYS A 360 -13.45 -27.16 -16.31
N GLN A 361 -13.01 -27.95 -15.33
CA GLN A 361 -13.60 -27.95 -14.01
C GLN A 361 -13.29 -26.63 -13.27
N PHE A 362 -12.10 -26.09 -13.52
CA PHE A 362 -11.66 -24.83 -12.95
C PHE A 362 -12.59 -23.66 -13.29
N LYS A 363 -13.16 -23.68 -14.49
CA LYS A 363 -14.11 -22.66 -14.91
C LYS A 363 -15.23 -22.51 -13.88
N ASN A 364 -15.53 -23.60 -13.17
CA ASN A 364 -16.64 -23.64 -12.23
C ASN A 364 -16.23 -23.70 -10.78
N THR A 365 -14.94 -23.60 -10.51
CA THR A 365 -14.47 -23.64 -9.12
C THR A 365 -14.74 -22.32 -8.39
N GLN A 366 -14.63 -22.37 -7.06
CA GLN A 366 -14.76 -21.19 -6.23
C GLN A 366 -13.51 -21.06 -5.39
N PRO A 367 -13.08 -19.81 -5.12
CA PRO A 367 -11.83 -19.57 -4.39
C PRO A 367 -11.85 -20.13 -2.99
N LEU A 368 -10.71 -20.66 -2.58
CA LEU A 368 -10.46 -20.98 -1.19
C LEU A 368 -10.18 -19.66 -0.48
N PRO A 369 -11.02 -19.29 0.51
CA PRO A 369 -10.91 -17.95 1.07
C PRO A 369 -9.54 -17.73 1.70
N ASN A 370 -8.90 -16.62 1.30
CA ASN A 370 -7.49 -16.38 1.63
C ASN A 370 -7.28 -15.59 2.92
N ILE A 371 -8.38 -15.20 3.55
CA ILE A 371 -8.33 -14.52 4.85
C ILE A 371 -7.83 -15.51 5.91
N SER A 372 -7.21 -14.99 6.97
CA SER A 372 -6.59 -15.86 8.00
C SER A 372 -7.61 -16.67 8.81
N GLN A 373 -8.87 -16.24 8.76
CA GLN A 373 -9.97 -16.90 9.46
C GLN A 373 -10.34 -18.26 8.84
N MET A 374 -9.76 -18.60 7.70
CA MET A 374 -9.99 -19.92 7.10
C MET A 374 -9.53 -21.06 8.02
N SER A 375 -8.50 -20.81 8.83
CA SER A 375 -7.97 -21.80 9.77
C SER A 375 -8.95 -22.19 10.87
N ALA A 376 -9.89 -21.29 11.17
CA ALA A 376 -10.93 -21.56 12.16
C ALA A 376 -12.00 -22.51 11.62
N VAL A 377 -11.94 -22.82 10.33
CA VAL A 377 -12.99 -23.60 9.68
C VAL A 377 -12.65 -25.10 9.62
N TRP A 378 -11.41 -25.40 9.23
CA TRP A 378 -11.01 -26.77 8.90
C TRP A 378 -11.53 -27.85 9.85
N ASP A 379 -11.23 -27.72 11.14
CA ASP A 379 -11.67 -28.68 12.17
C ASP A 379 -13.18 -28.74 12.38
N PRO A 380 -13.83 -27.61 12.77
CA PRO A 380 -15.28 -27.68 12.91
C PRO A 380 -16.00 -28.22 11.68
N ALA A 381 -15.51 -27.89 10.47
CA ALA A 381 -16.15 -28.35 9.23
C ALA A 381 -15.85 -29.82 8.91
N LYS A 382 -14.63 -30.28 9.20
CA LYS A 382 -14.30 -31.69 9.10
C LYS A 382 -15.27 -32.49 9.97
N ASN A 383 -15.35 -32.10 11.24
CA ASN A 383 -16.16 -32.78 12.24
C ASN A 383 -17.64 -32.75 11.89
N MET A 384 -18.08 -31.64 11.29
CA MET A 384 -19.45 -31.54 10.80
C MET A 384 -19.78 -32.74 9.90
N LEU A 385 -18.88 -33.05 8.97
CA LEU A 385 -19.07 -34.18 8.08
C LEU A 385 -19.21 -35.52 8.81
N PHE A 386 -18.18 -35.90 9.57
CA PHE A 386 -18.17 -37.16 10.33
C PHE A 386 -19.42 -37.31 11.17
N ASP A 387 -19.78 -36.23 11.88
CA ASP A 387 -20.93 -36.23 12.76
C ASP A 387 -22.20 -36.60 12.03
N ALA A 388 -22.41 -35.99 10.86
CA ALA A 388 -23.65 -36.21 10.12
C ALA A 388 -23.71 -37.56 9.40
N VAL A 389 -22.57 -37.98 8.85
CA VAL A 389 -22.56 -39.21 8.05
C VAL A 389 -22.46 -40.47 8.92
N SER A 390 -21.88 -40.31 10.12
CA SER A 390 -21.76 -41.41 11.08
C SER A 390 -23.01 -41.59 11.95
N GLY A 391 -23.98 -40.70 11.77
CA GLY A 391 -25.25 -40.79 12.50
C GLY A 391 -25.29 -40.11 13.85
N GLN A 392 -24.15 -39.59 14.30
CA GLN A 392 -24.07 -38.83 15.57
C GLN A 392 -25.03 -37.66 15.62
N LYS A 393 -25.19 -36.97 14.49
CA LYS A 393 -26.05 -35.80 14.36
C LYS A 393 -26.78 -35.84 13.04
N ASP A 394 -27.97 -35.24 12.99
CA ASP A 394 -28.68 -35.02 11.73
C ASP A 394 -27.95 -33.89 11.00
N ALA A 395 -28.30 -33.68 9.73
CA ALA A 395 -27.58 -32.72 8.89
C ALA A 395 -27.66 -31.27 9.41
N LYS A 396 -28.84 -30.88 9.89
CA LYS A 396 -29.09 -29.55 10.45
C LYS A 396 -28.24 -29.28 11.70
N THR A 397 -28.14 -30.28 12.58
CA THR A 397 -27.42 -30.10 13.83
C THR A 397 -25.92 -29.94 13.62
N ALA A 398 -25.30 -30.89 12.91
CA ALA A 398 -23.86 -30.87 12.67
C ALA A 398 -23.45 -29.52 12.09
N ALA A 399 -24.15 -29.10 11.04
CA ALA A 399 -23.94 -27.83 10.37
C ALA A 399 -23.93 -26.68 11.36
N ASN A 400 -25.06 -26.45 12.02
CA ASN A 400 -25.21 -25.40 13.04
C ASN A 400 -24.10 -25.41 14.08
N ASP A 401 -23.83 -26.59 14.64
CA ASP A 401 -22.79 -26.76 15.64
C ASP A 401 -21.43 -26.26 15.16
N ALA A 402 -21.09 -26.61 13.92
CA ALA A 402 -19.84 -26.21 13.29
C ALA A 402 -19.80 -24.69 13.11
N VAL A 403 -20.90 -24.12 12.62
CA VAL A 403 -20.99 -22.68 12.39
C VAL A 403 -20.70 -21.89 13.67
N THR A 404 -21.46 -22.18 14.72
CA THR A 404 -21.30 -21.46 15.98
C THR A 404 -19.96 -21.75 16.65
N LEU A 405 -19.32 -22.86 16.27
CA LEU A 405 -17.96 -23.15 16.73
C LEU A 405 -16.88 -22.43 15.90
N ILE A 406 -17.12 -22.24 14.60
CA ILE A 406 -16.24 -21.39 13.80
C ILE A 406 -16.43 -19.95 14.27
N LYS A 407 -17.68 -19.54 14.48
CA LYS A 407 -17.97 -18.21 15.04
C LYS A 407 -17.16 -17.93 16.30
N GLU A 408 -17.00 -18.95 17.15
CA GLU A 408 -16.34 -18.79 18.44
C GLU A 408 -14.82 -18.72 18.35
N THR A 409 -14.23 -19.47 17.42
CA THR A 409 -12.78 -19.45 17.24
C THR A 409 -12.35 -18.12 16.64
N LEU A 410 -13.24 -17.52 15.83
CA LEU A 410 -13.17 -16.11 15.49
C LEU A 410 -13.63 -15.32 16.72
N LYS A 411 -13.33 -14.03 16.79
CA LYS A 411 -13.55 -13.23 18.01
C LYS A 411 -12.55 -13.59 19.13
N GLN A 412 -12.28 -14.88 19.32
CA GLN A 412 -11.10 -15.32 20.07
C GLN A 412 -9.97 -15.45 19.06
N LYS A 413 -9.80 -14.37 18.29
CA LYS A 413 -8.93 -14.35 17.12
C LYS A 413 -7.46 -14.23 17.49
N GLU B 36 -15.13 6.67 -9.27
CA GLU B 36 -14.22 5.54 -8.94
C GLU B 36 -12.86 6.02 -8.43
N LEU B 37 -12.80 7.29 -8.03
CA LEU B 37 -11.60 7.84 -7.38
C LEU B 37 -11.91 8.99 -6.44
N THR B 38 -11.32 8.93 -5.25
CA THR B 38 -11.60 9.89 -4.18
C THR B 38 -10.36 10.71 -3.81
N VAL B 39 -10.57 12.02 -3.66
CA VAL B 39 -9.51 12.94 -3.23
C VAL B 39 -9.95 13.69 -1.99
N TYR B 40 -9.10 13.65 -0.95
CA TYR B 40 -9.38 14.32 0.32
C TYR B 40 -8.59 15.62 0.39
N VAL B 41 -9.32 16.73 0.54
CA VAL B 41 -8.74 18.08 0.58
C VAL B 41 -9.40 19.02 1.59
N ASP B 42 -8.71 20.12 1.87
CA ASP B 42 -9.21 21.18 2.75
C ASP B 42 -10.48 21.81 2.19
N GLU B 43 -11.20 22.52 3.05
CA GLU B 43 -12.41 23.25 2.67
C GLU B 43 -12.21 24.18 1.47
N GLY B 44 -11.10 24.93 1.46
CA GLY B 44 -10.84 25.94 0.42
C GLY B 44 -10.29 25.41 -0.89
N TYR B 45 -10.58 24.14 -1.19
CA TYR B 45 -10.13 23.50 -2.42
C TYR B 45 -11.30 22.97 -3.26
N LYS B 46 -12.52 23.14 -2.74
CA LYS B 46 -13.73 22.66 -3.40
C LYS B 46 -13.87 23.24 -4.81
N SER B 47 -13.80 24.56 -4.89
CA SER B 47 -13.84 25.28 -6.17
C SER B 47 -12.82 24.75 -7.16
N TYR B 48 -11.61 24.46 -6.67
CA TYR B 48 -10.53 23.93 -7.51
C TYR B 48 -10.77 22.49 -7.94
N ILE B 49 -10.84 21.57 -6.98
CA ILE B 49 -10.95 20.13 -7.25
C ILE B 49 -12.12 19.78 -8.17
N GLU B 50 -13.30 20.36 -7.90
CA GLU B 50 -14.48 20.15 -8.75
C GLU B 50 -14.25 20.57 -10.20
N GLU B 51 -13.76 21.80 -10.38
CA GLU B 51 -13.37 22.31 -11.69
C GLU B 51 -12.38 21.37 -12.40
N VAL B 52 -11.36 20.92 -11.68
CA VAL B 52 -10.32 20.05 -12.23
C VAL B 52 -10.85 18.70 -12.68
N ALA B 53 -11.70 18.10 -11.84
CA ALA B 53 -12.30 16.79 -12.12
C ALA B 53 -13.18 16.78 -13.37
N LYS B 54 -13.82 17.92 -13.65
CA LYS B 54 -14.69 18.09 -14.82
C LYS B 54 -13.95 17.81 -16.14
N ALA B 55 -12.75 18.37 -16.28
CA ALA B 55 -11.93 18.15 -17.47
C ALA B 55 -11.07 16.89 -17.38
N TYR B 56 -10.94 16.32 -16.18
CA TYR B 56 -10.19 15.07 -16.01
C TYR B 56 -11.07 13.89 -16.36
N GLU B 57 -12.28 13.86 -15.79
CA GLU B 57 -13.28 12.83 -16.05
C GLU B 57 -13.52 12.73 -17.56
N LYS B 58 -13.38 13.85 -18.26
CA LYS B 58 -13.42 13.89 -19.71
C LYS B 58 -12.24 13.11 -20.33
N GLU B 59 -11.03 13.65 -20.16
CA GLU B 59 -9.84 13.09 -20.81
C GLU B 59 -9.57 11.65 -20.36
N ALA B 60 -9.02 11.50 -19.16
CA ALA B 60 -8.86 10.17 -18.58
C ALA B 60 -10.16 9.81 -17.85
N GLY B 61 -10.92 8.88 -18.45
CA GLY B 61 -12.26 8.53 -17.96
C GLY B 61 -12.28 7.97 -16.55
N VAL B 62 -12.28 8.85 -15.56
CA VAL B 62 -12.35 8.50 -14.14
C VAL B 62 -13.17 9.57 -13.42
N LYS B 63 -14.21 9.15 -12.69
CA LYS B 63 -15.03 10.11 -11.93
C LYS B 63 -14.44 10.43 -10.55
N VAL B 64 -13.90 11.64 -10.45
CA VAL B 64 -13.25 12.13 -9.24
C VAL B 64 -14.30 12.68 -8.28
N THR B 65 -14.33 12.13 -7.07
CA THR B 65 -15.23 12.62 -6.03
C THR B 65 -14.44 13.07 -4.80
N LEU B 66 -14.87 14.17 -4.18
CA LEU B 66 -14.09 14.80 -3.12
C LEU B 66 -14.65 14.67 -1.70
N LYS B 67 -13.77 14.40 -0.74
CA LYS B 67 -14.12 14.43 0.68
C LYS B 67 -13.47 15.65 1.33
N THR B 68 -14.23 16.35 2.16
CA THR B 68 -13.78 17.60 2.79
C THR B 68 -13.53 17.44 4.30
N GLY B 69 -12.43 18.02 4.77
CA GLY B 69 -12.10 18.00 6.19
C GLY B 69 -10.88 18.84 6.52
N ASP B 70 -10.12 18.40 7.51
CA ASP B 70 -8.85 19.03 7.86
C ASP B 70 -7.70 18.25 7.21
N ALA B 71 -6.76 18.97 6.61
CA ALA B 71 -5.62 18.37 5.95
C ALA B 71 -4.64 17.71 6.93
N LEU B 72 -4.11 18.50 7.86
CA LEU B 72 -3.19 18.01 8.88
C LEU B 72 -3.81 16.94 9.76
N GLY B 73 -5.12 17.07 10.00
CA GLY B 73 -5.88 16.10 10.78
C GLY B 73 -6.02 14.78 10.07
N GLY B 74 -6.32 14.84 8.77
CA GLY B 74 -6.46 13.65 7.93
C GLY B 74 -5.17 12.85 7.81
N LEU B 75 -4.05 13.49 8.09
CA LEU B 75 -2.76 12.84 8.08
C LEU B 75 -2.44 12.16 9.41
N ASP B 76 -3.01 12.68 10.49
CA ASP B 76 -2.86 12.07 11.82
C ASP B 76 -3.54 10.71 11.84
N LYS B 77 -4.80 10.67 11.41
CA LYS B 77 -5.56 9.43 11.37
C LYS B 77 -5.27 8.56 10.13
N LEU B 78 -4.21 8.93 9.40
CA LEU B 78 -3.69 8.11 8.30
C LEU B 78 -2.88 6.94 8.86
N SER B 79 -2.37 7.11 10.08
CA SER B 79 -1.69 6.03 10.79
C SER B 79 -2.65 4.87 11.04
N LEU B 80 -3.83 5.18 11.56
CA LEU B 80 -4.86 4.20 11.88
C LEU B 80 -5.51 3.61 10.62
N ASP B 81 -5.95 4.47 9.71
CA ASP B 81 -6.63 4.06 8.48
C ASP B 81 -5.75 3.24 7.54
N ASN B 82 -4.45 3.48 7.61
CA ASN B 82 -3.48 2.88 6.70
C ASN B 82 -3.29 1.39 6.89
N GLN B 83 -3.47 0.91 8.12
CA GLN B 83 -3.18 -0.49 8.42
C GLN B 83 -4.37 -1.43 8.25
N ASN B 84 -5.16 -1.18 7.20
CA ASN B 84 -6.26 -2.06 6.77
C ASN B 84 -6.66 -1.80 5.32
N GLY B 85 -6.73 -0.53 4.94
CA GLY B 85 -7.03 -0.12 3.56
C GLY B 85 -8.24 0.79 3.40
N ASN B 86 -8.57 1.54 4.46
CA ASN B 86 -9.68 2.49 4.42
C ASN B 86 -9.17 3.93 4.30
N VAL B 87 -8.56 4.22 3.16
CA VAL B 87 -7.86 5.47 2.91
C VAL B 87 -8.38 6.16 1.63
N PRO B 88 -8.17 7.50 1.50
CA PRO B 88 -8.46 8.13 0.21
C PRO B 88 -7.35 7.84 -0.80
N ASP B 89 -7.68 7.94 -2.09
CA ASP B 89 -6.71 7.67 -3.16
C ASP B 89 -5.63 8.72 -3.20
N VAL B 90 -6.04 9.97 -3.35
CA VAL B 90 -5.11 11.10 -3.36
C VAL B 90 -5.45 12.05 -2.22
N MET B 91 -4.41 12.50 -1.52
CA MET B 91 -4.53 13.56 -0.54
C MET B 91 -3.29 14.48 -0.57
N MET B 92 -3.42 15.63 0.09
CA MET B 92 -2.40 16.69 0.10
C MET B 92 -1.60 16.65 1.39
N ALA B 93 -0.33 17.06 1.33
CA ALA B 93 0.55 17.10 2.50
C ALA B 93 1.68 18.14 2.38
N PRO B 94 2.02 18.83 3.49
CA PRO B 94 3.22 19.67 3.52
C PRO B 94 4.50 18.84 3.41
N TYR B 95 5.54 19.41 2.81
CA TYR B 95 6.79 18.69 2.51
C TYR B 95 7.37 17.96 3.71
N ASP B 96 7.50 18.65 4.83
CA ASP B 96 8.05 18.08 6.07
C ASP B 96 7.36 16.75 6.41
N ARG B 97 6.03 16.74 6.29
CA ARG B 97 5.21 15.56 6.57
C ARG B 97 5.39 14.46 5.51
N VAL B 98 5.74 14.85 4.29
CA VAL B 98 6.08 13.88 3.24
C VAL B 98 7.33 13.10 3.66
N GLY B 99 8.40 13.82 4.00
CA GLY B 99 9.66 13.22 4.40
C GLY B 99 9.56 12.33 5.63
N SER B 100 8.62 12.66 6.52
CA SER B 100 8.43 11.91 7.76
C SER B 100 7.59 10.65 7.50
N LEU B 101 6.33 10.85 7.08
CA LEU B 101 5.44 9.76 6.77
C LEU B 101 6.03 8.84 5.70
N GLY B 102 6.87 9.41 4.84
CA GLY B 102 7.63 8.63 3.87
C GLY B 102 8.37 7.52 4.58
N SER B 103 9.34 7.92 5.41
CA SER B 103 10.15 6.99 6.19
C SER B 103 9.31 6.06 7.07
N ASP B 104 8.13 6.55 7.47
CA ASP B 104 7.19 5.82 8.32
C ASP B 104 6.47 4.68 7.57
N GLY B 105 6.84 4.44 6.31
CA GLY B 105 6.19 3.42 5.48
C GLY B 105 4.73 3.73 5.19
N GLN B 106 4.32 4.95 5.53
CA GLN B 106 2.92 5.37 5.47
C GLN B 106 2.50 5.83 4.08
N LEU B 107 3.46 6.16 3.21
CA LEU B 107 3.14 6.69 1.89
C LEU B 107 3.65 5.83 0.72
N SER B 108 2.78 5.63 -0.27
CA SER B 108 3.17 5.05 -1.57
C SER B 108 4.26 5.88 -2.24
N GLU B 109 5.12 5.21 -3.00
CA GLU B 109 6.12 5.91 -3.80
C GLU B 109 5.47 6.66 -4.96
N VAL B 110 6.06 7.81 -5.28
CA VAL B 110 5.57 8.67 -6.36
C VAL B 110 6.66 8.83 -7.42
N LYS B 111 6.27 8.75 -8.69
CA LYS B 111 7.17 8.95 -9.82
C LYS B 111 7.01 10.36 -10.40
N LEU B 112 8.13 11.05 -10.52
CA LEU B 112 8.15 12.44 -10.99
C LEU B 112 8.25 12.55 -12.50
N SER B 113 7.09 12.71 -13.15
CA SER B 113 7.00 12.88 -14.60
C SER B 113 7.49 14.27 -15.03
N ASP B 114 7.78 14.41 -16.32
CA ASP B 114 8.25 15.69 -16.87
C ASP B 114 7.18 16.78 -16.78
N GLY B 115 5.92 16.42 -17.06
CA GLY B 115 4.80 17.36 -17.06
C GLY B 115 4.56 18.07 -15.73
N ALA B 116 5.17 17.53 -14.67
CA ALA B 116 5.16 18.16 -13.35
C ALA B 116 6.06 19.40 -13.31
N LYS B 117 7.09 19.40 -14.15
CA LYS B 117 7.99 20.56 -14.30
C LYS B 117 8.67 20.97 -13.01
N THR B 118 9.32 20.01 -12.36
CA THR B 118 10.07 20.27 -11.13
C THR B 118 11.52 20.63 -11.43
N ASP B 119 12.21 21.17 -10.42
CA ASP B 119 13.65 21.34 -10.46
C ASP B 119 14.26 20.66 -9.25
N ASP B 120 15.58 20.76 -9.10
CA ASP B 120 16.31 20.14 -7.97
C ASP B 120 15.70 20.47 -6.63
N THR B 121 15.38 21.74 -6.40
CA THR B 121 14.93 22.17 -5.07
C THR B 121 13.59 21.56 -4.66
N THR B 122 12.63 21.50 -5.58
CA THR B 122 11.34 20.88 -5.26
C THR B 122 11.46 19.36 -5.29
N LYS B 123 12.34 18.87 -6.16
CA LYS B 123 12.61 17.44 -6.27
C LYS B 123 13.09 16.97 -4.91
N SER B 124 13.91 17.80 -4.29
CA SER B 124 14.50 17.57 -2.98
C SER B 124 13.48 17.50 -1.83
N LEU B 125 12.46 18.35 -1.89
CA LEU B 125 11.50 18.47 -0.80
C LEU B 125 10.58 17.26 -0.66
N VAL B 126 10.36 16.54 -1.76
CA VAL B 126 9.49 15.34 -1.76
C VAL B 126 10.28 14.03 -1.69
N THR B 127 11.60 14.15 -1.52
CA THR B 127 12.49 13.01 -1.31
C THR B 127 12.72 12.82 0.18
N ALA B 128 12.48 11.60 0.68
CA ALA B 128 12.75 11.27 2.09
C ALA B 128 14.23 10.89 2.31
N ALA B 129 14.50 10.21 3.41
CA ALA B 129 15.85 9.79 3.73
C ALA B 129 16.20 8.40 3.17
N ASN B 130 15.38 7.86 2.27
CA ASN B 130 15.64 6.55 1.65
C ASN B 130 16.80 6.51 0.64
N GLY B 131 16.90 7.48 -0.28
CA GLY B 131 15.94 8.56 -0.45
C GLY B 131 15.07 8.32 -1.68
N LYS B 132 13.85 7.84 -1.42
CA LYS B 132 12.86 7.66 -2.46
C LYS B 132 11.96 8.89 -2.52
N VAL B 133 10.87 8.81 -3.27
CA VAL B 133 9.98 9.96 -3.48
C VAL B 133 8.56 9.56 -3.14
N TYR B 134 7.90 10.37 -2.33
CA TYR B 134 6.55 10.05 -1.84
C TYR B 134 5.56 11.19 -2.06
N GLY B 135 5.99 12.20 -2.81
CA GLY B 135 5.15 13.37 -3.08
C GLY B 135 5.40 13.98 -4.44
N ALA B 136 4.38 14.63 -4.97
CA ALA B 136 4.52 15.40 -6.20
C ALA B 136 4.28 16.89 -5.90
N PRO B 137 5.33 17.72 -6.04
CA PRO B 137 5.27 19.12 -5.63
C PRO B 137 4.09 19.85 -6.25
N ALA B 138 3.25 20.43 -5.39
CA ALA B 138 2.08 21.15 -5.84
C ALA B 138 2.18 22.63 -5.54
N VAL B 139 2.56 22.96 -4.31
CA VAL B 139 2.64 24.34 -3.84
C VAL B 139 4.01 24.63 -3.26
N ILE B 140 4.56 25.81 -3.54
CA ILE B 140 5.72 26.31 -2.81
C ILE B 140 5.31 27.49 -1.93
N GLU B 141 6.07 27.72 -0.86
CA GLU B 141 5.84 28.86 0.04
C GLU B 141 7.07 29.15 0.90
N SER B 142 7.30 30.44 1.12
CA SER B 142 8.38 30.92 1.97
C SER B 142 7.85 32.01 2.87
N LEU B 143 8.63 32.37 3.90
CA LEU B 143 8.39 33.59 4.65
C LEU B 143 8.69 34.78 3.74
N VAL B 144 8.00 35.90 3.99
CA VAL B 144 8.18 37.13 3.20
C VAL B 144 8.13 38.38 4.09
N MET B 145 8.26 39.55 3.48
CA MET B 145 8.03 40.81 4.19
C MET B 145 6.75 41.51 3.76
N TYR B 146 5.90 41.81 4.74
CA TYR B 146 4.77 42.72 4.54
C TYR B 146 5.18 44.08 5.08
N TYR B 147 4.84 45.14 4.35
CA TYR B 147 5.05 46.50 4.84
C TYR B 147 3.80 47.35 4.64
N ASN B 148 3.53 48.23 5.60
CA ASN B 148 2.41 49.17 5.49
C ASN B 148 2.75 50.31 4.55
N LYS B 149 1.94 50.47 3.50
CA LYS B 149 2.19 51.51 2.49
C LYS B 149 1.79 52.91 2.97
N ASP B 150 0.91 52.95 3.98
CA ASP B 150 0.54 54.21 4.66
C ASP B 150 1.70 54.74 5.51
N LEU B 151 2.66 53.88 5.82
CA LEU B 151 3.79 54.26 6.65
C LEU B 151 5.06 54.49 5.85
N VAL B 152 5.40 53.55 4.98
CA VAL B 152 6.56 53.70 4.09
C VAL B 152 6.09 53.71 2.64
N LYS B 153 6.83 54.42 1.78
CA LYS B 153 6.45 54.56 0.38
C LYS B 153 6.95 53.35 -0.41
N ASP B 154 8.25 53.07 -0.30
CA ASP B 154 8.86 51.93 -0.97
C ASP B 154 9.20 50.89 0.08
N ALA B 155 9.44 49.65 -0.34
CA ALA B 155 9.82 48.57 0.56
C ALA B 155 11.25 48.74 1.07
N PRO B 156 11.51 48.35 2.34
CA PRO B 156 12.89 48.38 2.83
C PRO B 156 13.75 47.35 2.11
N LYS B 157 14.82 47.80 1.47
CA LYS B 157 15.68 46.91 0.68
C LYS B 157 16.65 46.12 1.55
N THR B 158 17.19 46.78 2.58
CA THR B 158 18.13 46.14 3.51
C THR B 158 17.62 46.21 4.94
N PHE B 159 18.30 45.51 5.85
CA PHE B 159 17.99 45.60 7.27
C PHE B 159 18.43 46.94 7.83
N ALA B 160 19.45 47.51 7.20
CA ALA B 160 19.87 48.87 7.46
C ALA B 160 18.68 49.82 7.37
N ASP B 161 17.81 49.59 6.39
CA ASP B 161 16.60 50.39 6.20
C ASP B 161 15.59 50.19 7.32
N LEU B 162 15.65 49.03 8.00
CA LEU B 162 14.75 48.75 9.11
C LEU B 162 15.27 49.34 10.41
N GLU B 163 16.60 49.31 10.57
CA GLU B 163 17.29 49.96 11.69
C GLU B 163 17.10 51.47 11.65
N ASN B 164 17.02 52.03 10.44
CA ASN B 164 16.74 53.45 10.26
C ASN B 164 15.28 53.80 10.51
N LEU B 165 14.37 52.91 10.10
CA LEU B 165 12.95 53.08 10.40
C LEU B 165 12.68 53.02 11.90
N ALA B 166 13.52 52.27 12.62
CA ALA B 166 13.48 52.21 14.07
C ALA B 166 13.87 53.54 14.68
N LYS B 167 14.94 54.14 14.14
CA LYS B 167 15.48 55.42 14.60
C LYS B 167 14.44 56.55 14.54
N ASP B 168 13.35 56.33 13.82
CA ASP B 168 12.26 57.29 13.77
C ASP B 168 11.45 57.16 15.03
N SER B 169 11.22 58.30 15.68
CA SER B 169 10.56 58.33 16.98
C SER B 169 9.05 58.06 16.95
N LYS B 170 8.39 58.30 15.80
CA LYS B 170 6.94 58.12 15.72
C LYS B 170 6.50 56.67 15.97
N TYR B 171 7.42 55.73 15.73
CA TYR B 171 7.13 54.32 15.95
C TYR B 171 7.41 53.89 17.40
N ALA B 172 7.45 54.87 18.31
CA ALA B 172 7.66 54.57 19.73
C ALA B 172 6.46 53.82 20.33
N PHE B 173 6.74 52.80 21.13
CA PHE B 173 5.69 52.07 21.83
C PHE B 173 5.20 52.90 23.03
N ALA B 174 3.91 52.76 23.37
CA ALA B 174 3.30 53.50 24.47
C ALA B 174 3.77 52.99 25.83
N GLY B 175 4.17 53.91 26.71
CA GLY B 175 4.63 53.57 28.06
C GLY B 175 6.03 52.96 28.09
N GLU B 176 6.16 51.74 27.55
CA GLU B 176 7.46 51.07 27.40
C GLU B 176 8.34 51.86 26.44
N ASP B 177 9.25 52.65 27.00
CA ASP B 177 10.14 53.47 26.19
C ASP B 177 11.58 53.43 26.71
N GLY B 178 12.56 53.51 25.81
CA GLY B 178 12.31 53.63 24.37
C GLY B 178 12.28 52.31 23.60
N LYS B 179 11.06 51.84 23.31
CA LYS B 179 10.84 50.62 22.55
C LYS B 179 10.07 50.93 21.25
N THR B 180 10.42 50.25 20.16
CA THR B 180 9.76 50.46 18.87
C THR B 180 8.81 49.34 18.47
N THR B 181 7.82 49.71 17.67
CA THR B 181 7.04 48.78 16.87
C THR B 181 7.28 49.13 15.41
N ALA B 182 8.50 49.56 15.09
CA ALA B 182 8.88 49.94 13.73
C ALA B 182 8.99 48.69 12.84
N PHE B 183 9.78 47.73 13.31
CA PHE B 183 9.93 46.45 12.64
C PHE B 183 9.74 45.34 13.67
N LEU B 184 8.98 44.32 13.30
CA LEU B 184 8.68 43.21 14.21
C LEU B 184 8.84 41.85 13.54
N ALA B 185 9.35 40.88 14.28
CA ALA B 185 9.55 39.52 13.79
C ALA B 185 9.60 38.50 14.93
N ASP B 186 8.80 37.44 14.82
CA ASP B 186 8.73 36.37 15.81
C ASP B 186 10.04 35.58 15.84
N TRP B 187 11.11 36.23 16.28
CA TRP B 187 12.42 35.62 16.31
C TRP B 187 12.68 34.78 17.56
N THR B 188 11.67 34.53 18.37
CA THR B 188 11.75 33.48 19.40
C THR B 188 11.31 32.16 18.79
N ASN B 189 10.64 32.25 17.64
CA ASN B 189 10.21 31.09 16.86
C ASN B 189 11.34 30.60 15.94
N PHE B 190 11.69 29.32 16.05
CA PHE B 190 12.81 28.80 15.28
C PHE B 190 12.60 28.85 13.77
N TYR B 191 11.44 28.37 13.31
CA TYR B 191 11.11 28.37 11.89
C TYR B 191 11.35 29.74 11.26
N TYR B 192 11.02 30.80 12.00
CA TYR B 192 11.15 32.17 11.49
C TYR B 192 12.60 32.64 11.49
N THR B 193 13.20 32.64 12.68
CA THR B 193 14.56 33.16 12.87
C THR B 193 15.58 32.49 11.96
N TYR B 194 15.40 31.21 11.69
CA TYR B 194 16.43 30.42 11.02
C TYR B 194 17.22 31.23 9.99
N GLY B 195 16.51 31.83 9.05
CA GLY B 195 17.14 32.60 7.97
C GLY B 195 18.11 33.65 8.45
N LEU B 196 17.77 34.30 9.57
CA LEU B 196 18.66 35.28 10.20
C LEU B 196 20.00 34.61 10.52
N LEU B 197 19.92 33.38 11.01
CA LEU B 197 21.12 32.62 11.37
C LEU B 197 21.80 32.06 10.14
N ALA B 198 21.02 31.42 9.28
CA ALA B 198 21.55 30.74 8.09
C ALA B 198 22.25 31.70 7.14
N GLY B 199 21.62 32.85 6.92
CA GLY B 199 22.19 33.93 6.11
C GLY B 199 23.51 34.43 6.66
N ASN B 200 23.71 34.25 7.97
CA ASN B 200 24.95 34.59 8.65
C ASN B 200 25.99 33.47 8.67
N GLY B 201 25.60 32.29 8.16
CA GLY B 201 26.53 31.19 7.97
C GLY B 201 26.16 29.92 8.70
N ALA B 202 25.10 29.99 9.50
CA ALA B 202 24.64 28.84 10.28
C ALA B 202 23.96 27.78 9.44
N TYR B 203 23.83 26.59 10.02
CA TYR B 203 23.12 25.48 9.41
C TYR B 203 22.74 24.48 10.48
N VAL B 204 21.56 23.88 10.33
CA VAL B 204 21.12 22.87 11.28
C VAL B 204 22.02 21.64 11.13
N PHE B 205 21.92 20.92 10.02
CA PHE B 205 22.84 19.83 9.73
C PHE B 205 23.77 20.18 8.57
N GLY B 206 25.02 19.72 8.66
CA GLY B 206 26.02 19.95 7.60
C GLY B 206 25.80 19.11 6.35
N GLN B 207 26.30 19.62 5.23
CA GLN B 207 26.18 18.93 3.95
C GLN B 207 24.71 18.94 3.47
N ASN B 208 24.13 20.14 3.42
CA ASN B 208 22.75 20.36 2.98
C ASN B 208 21.68 19.65 3.83
N GLY B 209 21.91 19.63 5.14
CA GLY B 209 20.93 19.12 6.08
C GLY B 209 20.82 17.61 6.11
N LYS B 210 21.86 16.92 5.65
CA LYS B 210 21.82 15.45 5.62
C LYS B 210 22.76 14.79 6.63
N ASP B 211 23.80 15.49 7.08
CA ASP B 211 24.73 14.93 8.06
C ASP B 211 24.44 15.37 9.50
N ALA B 212 23.90 14.45 10.28
CA ALA B 212 23.49 14.74 11.66
C ALA B 212 24.64 14.70 12.67
N LYS B 213 25.84 14.38 12.19
CA LYS B 213 27.04 14.39 13.03
C LYS B 213 27.70 15.77 12.99
N ASP B 214 27.13 16.66 12.19
CA ASP B 214 27.67 18.01 11.99
C ASP B 214 26.58 19.06 12.20
N ILE B 215 26.66 19.77 13.32
CA ILE B 215 25.68 20.77 13.69
C ILE B 215 26.29 22.17 13.71
N GLY B 216 25.83 23.00 12.78
CA GLY B 216 26.35 24.37 12.64
C GLY B 216 25.58 25.40 13.41
N LEU B 217 24.61 24.98 14.21
CA LEU B 217 23.81 25.90 15.01
C LEU B 217 24.64 26.60 16.10
N ALA B 218 25.90 26.20 16.21
CA ALA B 218 26.83 26.79 17.16
C ALA B 218 27.92 27.65 16.50
N ASN B 219 28.11 27.49 15.19
CA ASN B 219 29.21 28.16 14.47
C ASN B 219 29.23 29.69 14.54
N ASP B 220 30.33 30.27 14.05
CA ASP B 220 30.59 31.70 14.23
C ASP B 220 29.50 32.62 13.71
N GLY B 221 29.03 32.37 12.49
CA GLY B 221 27.97 33.14 11.88
C GLY B 221 26.70 33.16 12.70
N SER B 222 26.25 31.96 13.09
CA SER B 222 25.06 31.82 13.95
C SER B 222 25.12 32.73 15.17
N ILE B 223 26.28 32.77 15.83
CA ILE B 223 26.46 33.65 16.98
C ILE B 223 26.09 35.08 16.60
N VAL B 224 26.65 35.59 15.50
CA VAL B 224 26.38 36.96 15.06
C VAL B 224 24.89 37.16 14.79
N GLY B 225 24.25 36.13 14.23
CA GLY B 225 22.81 36.11 13.99
C GLY B 225 22.02 36.19 15.29
N ILE B 226 22.29 35.25 16.20
CA ILE B 226 21.64 35.22 17.52
C ILE B 226 21.89 36.54 18.25
N ASN B 227 23.09 37.09 18.08
CA ASN B 227 23.40 38.42 18.61
C ASN B 227 22.58 39.53 17.96
N TYR B 228 22.50 39.51 16.64
CA TYR B 228 21.69 40.49 15.91
C TYR B 228 20.25 40.48 16.42
N ALA B 229 19.72 39.29 16.68
CA ALA B 229 18.39 39.14 17.22
C ALA B 229 18.26 39.91 18.52
N LYS B 230 19.20 39.64 19.45
CA LYS B 230 19.21 40.29 20.75
C LYS B 230 19.10 41.82 20.63
N SER B 231 20.00 42.40 19.83
CA SER B 231 20.05 43.85 19.57
C SER B 231 18.66 44.42 19.30
N TRP B 232 17.85 43.64 18.59
CA TRP B 232 16.47 44.03 18.31
C TRP B 232 15.59 43.88 19.54
N TYR B 233 15.77 42.77 20.26
CA TYR B 233 14.93 42.46 21.41
C TYR B 233 15.03 43.47 22.56
N GLU B 234 16.22 44.05 22.74
CA GLU B 234 16.44 45.13 23.71
C GLU B 234 15.61 46.38 23.36
N LYS B 235 15.48 46.66 22.07
CA LYS B 235 14.69 47.80 21.58
C LYS B 235 13.21 47.45 21.37
N TRP B 236 12.80 46.26 21.80
CA TRP B 236 11.44 45.78 21.58
C TRP B 236 10.62 45.67 22.88
N PRO B 237 9.27 45.72 22.77
CA PRO B 237 8.43 45.46 23.95
C PRO B 237 8.73 44.09 24.54
N LYS B 238 8.62 43.96 25.86
CA LYS B 238 8.82 42.65 26.50
C LYS B 238 7.79 41.65 26.00
N GLY B 239 6.63 42.16 25.56
CA GLY B 239 5.56 41.34 25.01
C GLY B 239 6.02 40.47 23.85
N MET B 240 7.09 40.91 23.18
CA MET B 240 7.70 40.15 22.09
C MET B 240 8.40 38.91 22.62
N GLN B 241 8.86 38.97 23.87
CA GLN B 241 9.53 37.85 24.52
C GLN B 241 8.55 36.90 25.18
N ASP B 242 7.29 36.98 24.77
CA ASP B 242 6.25 36.09 25.29
C ASP B 242 6.62 34.63 25.04
N THR B 243 6.42 33.78 26.06
CA THR B 243 6.71 32.34 25.93
C THR B 243 5.90 31.72 24.79
N GLU B 244 4.58 31.81 24.89
CA GLU B 244 3.67 31.26 23.86
C GLU B 244 3.88 31.89 22.49
N GLY B 245 4.59 33.02 22.46
CA GLY B 245 4.56 33.93 21.32
C GLY B 245 3.58 35.05 21.64
N ALA B 246 3.72 36.24 21.06
CA ALA B 246 4.64 36.59 19.97
C ALA B 246 3.82 36.93 18.74
N GLY B 247 3.49 35.92 17.93
CA GLY B 247 2.78 36.11 16.66
C GLY B 247 1.49 36.93 16.74
N ASN B 248 0.73 36.71 17.80
CA ASN B 248 -0.51 37.43 18.04
C ASN B 248 -0.31 38.94 18.18
N LEU B 249 0.66 39.34 19.01
CA LEU B 249 1.01 40.75 19.21
C LEU B 249 1.55 41.40 17.93
N ILE B 250 2.31 40.62 17.15
CA ILE B 250 2.88 41.07 15.88
C ILE B 250 1.76 41.38 14.88
N GLN B 251 0.85 40.43 14.71
CA GLN B 251 -0.30 40.57 13.81
C GLN B 251 -1.19 41.75 14.22
N THR B 252 -1.26 42.01 15.52
CA THR B 252 -2.03 43.14 16.05
C THR B 252 -1.35 44.46 15.65
N GLN B 253 -0.15 44.70 16.15
CA GLN B 253 0.60 45.93 15.86
C GLN B 253 0.48 46.33 14.39
N PHE B 254 0.70 45.35 13.51
CA PHE B 254 0.73 45.61 12.08
C PHE B 254 -0.56 46.22 11.56
N GLN B 255 -1.68 45.59 11.91
CA GLN B 255 -3.00 46.01 11.45
C GLN B 255 -3.44 47.33 12.06
N GLU B 256 -3.11 47.52 13.34
CA GLU B 256 -3.40 48.77 14.05
C GLU B 256 -2.49 49.89 13.56
N GLY B 257 -1.85 49.67 12.41
CA GLY B 257 -1.01 50.67 11.76
C GLY B 257 0.19 51.14 12.55
N LYS B 258 0.61 50.35 13.53
CA LYS B 258 1.72 50.73 14.41
C LYS B 258 3.09 50.21 13.97
N THR B 259 3.12 49.32 12.98
CA THR B 259 4.41 48.84 12.48
C THR B 259 4.58 48.93 10.96
N ALA B 260 5.78 49.34 10.55
CA ALA B 260 6.10 49.53 9.15
C ALA B 260 6.19 48.19 8.43
N ALA B 261 7.09 47.32 8.88
CA ALA B 261 7.32 46.06 8.20
C ALA B 261 7.39 44.88 9.16
N ILE B 262 6.91 43.71 8.72
CA ILE B 262 7.05 42.46 9.46
C ILE B 262 7.54 41.31 8.59
N ILE B 263 7.98 40.22 9.22
CA ILE B 263 8.29 38.98 8.50
C ILE B 263 7.24 37.93 8.86
N ASP B 264 6.51 37.46 7.86
CA ASP B 264 5.51 36.41 8.07
C ASP B 264 5.16 35.68 6.76
N GLY B 265 4.33 34.65 6.84
CA GLY B 265 4.03 33.82 5.68
C GLY B 265 2.89 34.32 4.81
N PRO B 266 2.65 33.63 3.67
CA PRO B 266 1.57 33.94 2.76
C PRO B 266 0.20 33.72 3.40
N TRP B 267 0.13 32.80 4.35
CA TRP B 267 -1.13 32.47 5.02
C TRP B 267 -1.77 33.62 5.78
N LYS B 268 -1.04 34.74 5.91
CA LYS B 268 -1.52 35.91 6.64
C LYS B 268 -2.09 37.00 5.73
N ALA B 269 -1.83 36.90 4.43
CA ALA B 269 -2.32 37.87 3.44
C ALA B 269 -3.83 38.07 3.57
N GLN B 270 -4.55 36.96 3.76
CA GLN B 270 -5.98 36.98 4.02
C GLN B 270 -6.34 37.96 5.13
N ALA B 271 -5.82 37.70 6.34
CA ALA B 271 -6.05 38.55 7.50
C ALA B 271 -5.81 40.03 7.19
N PHE B 272 -4.63 40.32 6.65
CA PHE B 272 -4.24 41.70 6.37
C PHE B 272 -5.16 42.39 5.34
N LYS B 273 -5.80 41.58 4.48
CA LYS B 273 -6.83 42.09 3.56
C LYS B 273 -8.04 42.53 4.37
N ASP B 274 -8.63 41.58 5.10
CA ASP B 274 -9.81 41.82 5.92
C ASP B 274 -9.58 42.92 6.95
N ALA B 275 -8.32 43.09 7.37
CA ALA B 275 -7.99 44.06 8.40
C ALA B 275 -7.92 45.49 7.87
N LYS B 276 -8.35 45.68 6.63
CA LYS B 276 -8.38 46.99 5.96
C LYS B 276 -7.00 47.60 5.73
N VAL B 277 -5.94 46.79 5.85
CA VAL B 277 -4.56 47.30 5.76
C VAL B 277 -4.14 47.58 4.31
N ASN B 278 -3.26 48.56 4.15
CA ASN B 278 -2.74 48.91 2.84
C ASN B 278 -1.33 48.33 2.68
N TYR B 279 -1.26 47.01 2.66
CA TYR B 279 0.03 46.31 2.70
C TYR B 279 0.73 46.15 1.35
N GLY B 280 2.05 46.34 1.38
CA GLY B 280 2.91 45.91 0.30
C GLY B 280 3.51 44.57 0.68
N VAL B 281 4.16 43.92 -0.27
CA VAL B 281 4.83 42.65 0.00
C VAL B 281 6.08 42.58 -0.86
N ALA B 282 7.23 42.56 -0.21
CA ALA B 282 8.50 42.43 -0.89
C ALA B 282 9.24 41.20 -0.38
N THR B 283 10.43 40.97 -0.91
CA THR B 283 11.34 40.00 -0.34
C THR B 283 11.85 40.54 0.98
N ILE B 284 12.28 39.63 1.85
CA ILE B 284 12.87 40.01 3.13
C ILE B 284 14.15 40.79 2.82
N PRO B 285 14.35 41.93 3.49
CA PRO B 285 15.54 42.75 3.28
C PRO B 285 16.82 41.93 3.45
N THR B 286 17.88 42.33 2.75
CA THR B 286 19.16 41.62 2.83
C THR B 286 19.84 41.93 4.16
N LEU B 287 20.66 41.00 4.64
CA LEU B 287 21.31 41.15 5.94
C LEU B 287 22.51 42.09 5.88
N PRO B 288 22.90 42.66 7.04
CA PRO B 288 24.15 43.38 7.17
C PRO B 288 25.32 42.69 6.48
N ASN B 289 25.48 41.39 6.70
CA ASN B 289 26.61 40.64 6.10
C ASN B 289 26.57 40.65 4.58
N GLY B 290 25.54 41.27 4.01
CA GLY B 290 25.37 41.37 2.57
C GLY B 290 24.39 40.39 1.96
N LYS B 291 24.17 39.26 2.64
CA LYS B 291 23.44 38.14 2.04
C LYS B 291 21.95 38.07 2.34
N GLU B 292 21.27 37.20 1.60
CA GLU B 292 19.83 37.03 1.69
C GLU B 292 19.45 36.19 2.92
N TYR B 293 18.28 36.51 3.47
CA TYR B 293 17.66 35.79 4.58
C TYR B 293 17.36 34.36 4.12
N ALA B 294 18.19 33.40 4.55
CA ALA B 294 18.05 32.01 4.11
C ALA B 294 16.94 31.25 4.87
N ALA B 295 15.74 31.79 4.84
CA ALA B 295 14.55 31.13 5.36
C ALA B 295 14.44 29.68 4.86
N PHE B 296 13.61 28.88 5.54
CA PHE B 296 13.29 27.54 5.08
C PHE B 296 12.41 27.65 3.84
N GLY B 297 12.49 26.64 2.98
CA GLY B 297 11.62 26.54 1.82
C GLY B 297 10.53 25.53 2.09
N GLY B 298 9.29 25.99 2.16
CA GLY B 298 8.18 25.12 2.51
C GLY B 298 7.27 24.93 1.33
N GLY B 299 6.06 24.43 1.60
CA GLY B 299 5.07 24.21 0.56
C GLY B 299 4.41 22.86 0.71
N LYS B 300 3.55 22.51 -0.24
CA LYS B 300 2.84 21.23 -0.17
C LYS B 300 2.98 20.42 -1.46
N ALA B 301 2.63 19.13 -1.34
CA ALA B 301 2.68 18.18 -2.44
C ALA B 301 1.43 17.28 -2.45
N TRP B 302 1.21 16.58 -3.56
CA TRP B 302 0.19 15.55 -3.58
C TRP B 302 0.81 14.22 -3.19
N VAL B 303 0.13 13.51 -2.30
CA VAL B 303 0.63 12.23 -1.80
C VAL B 303 -0.41 11.12 -1.92
N ILE B 304 0.07 9.88 -1.84
CA ILE B 304 -0.78 8.71 -1.98
C ILE B 304 -0.52 7.73 -0.84
N PRO B 305 -1.55 7.46 -0.01
CA PRO B 305 -1.43 6.49 1.08
C PRO B 305 -1.03 5.11 0.55
N GLN B 306 -0.15 4.41 1.27
CA GLN B 306 0.37 3.12 0.80
C GLN B 306 -0.70 2.03 0.67
N ALA B 307 -1.83 2.22 1.35
CA ALA B 307 -2.90 1.23 1.42
C ALA B 307 -4.03 1.45 0.42
N VAL B 308 -3.80 2.32 -0.57
CA VAL B 308 -4.80 2.56 -1.61
C VAL B 308 -5.02 1.32 -2.46
N LYS B 309 -6.27 1.12 -2.90
CA LYS B 309 -6.64 -0.05 -3.71
C LYS B 309 -5.86 -0.09 -5.02
N ASN B 310 -5.82 1.04 -5.72
CA ASN B 310 -5.06 1.15 -6.97
C ASN B 310 -3.93 2.17 -6.86
N LEU B 311 -2.72 1.74 -7.24
CA LEU B 311 -1.54 2.60 -7.21
C LEU B 311 -1.33 3.31 -8.55
N GLU B 312 -1.41 2.54 -9.63
CA GLU B 312 -1.29 3.06 -11.00
C GLU B 312 -2.28 4.21 -11.26
N ALA B 313 -3.50 4.08 -10.74
CA ALA B 313 -4.57 5.03 -10.99
C ALA B 313 -4.49 6.28 -10.11
N SER B 314 -3.78 6.18 -9.00
CA SER B 314 -3.50 7.34 -8.17
C SER B 314 -2.35 8.14 -8.78
N GLN B 315 -1.26 7.44 -9.07
CA GLN B 315 -0.07 8.03 -9.70
C GLN B 315 -0.44 8.81 -10.96
N LYS B 316 -1.59 8.48 -11.54
CA LYS B 316 -2.06 9.15 -12.74
C LYS B 316 -2.68 10.51 -12.45
N PHE B 317 -3.70 10.52 -11.58
CA PHE B 317 -4.43 11.75 -11.26
C PHE B 317 -3.54 12.79 -10.55
N VAL B 318 -2.47 12.30 -9.93
CA VAL B 318 -1.45 13.17 -9.36
C VAL B 318 -0.66 13.84 -10.49
N ASP B 319 -0.18 13.03 -11.44
CA ASP B 319 0.51 13.50 -12.65
C ASP B 319 -0.26 14.57 -13.42
N PHE B 320 -1.59 14.43 -13.40
CA PHE B 320 -2.46 15.42 -14.01
C PHE B 320 -2.51 16.71 -13.17
N LEU B 321 -2.57 16.55 -11.85
CA LEU B 321 -2.66 17.71 -10.96
C LEU B 321 -1.42 18.57 -10.97
N VAL B 322 -0.28 17.97 -11.31
CA VAL B 322 0.98 18.72 -11.38
C VAL B 322 1.28 19.24 -12.79
N ALA B 323 0.54 18.74 -13.79
CA ALA B 323 0.64 19.21 -15.18
C ALA B 323 0.36 20.70 -15.28
N THR B 324 1.09 21.37 -16.17
CA THR B 324 1.12 22.83 -16.23
C THR B 324 -0.28 23.47 -16.10
N GLU B 325 -1.23 23.03 -16.93
CA GLU B 325 -2.58 23.63 -16.95
C GLU B 325 -3.29 23.57 -15.60
N GLN B 326 -3.28 22.39 -14.98
CA GLN B 326 -3.90 22.20 -13.67
C GLN B 326 -3.23 23.04 -12.59
N GLN B 327 -1.92 23.25 -12.75
CA GLN B 327 -1.17 24.11 -11.86
C GLN B 327 -1.42 25.60 -12.11
N LYS B 328 -1.78 25.96 -13.34
CA LYS B 328 -2.18 27.32 -13.68
C LYS B 328 -3.55 27.61 -13.10
N VAL B 329 -4.45 26.61 -13.19
CA VAL B 329 -5.79 26.69 -12.61
C VAL B 329 -5.69 26.84 -11.08
N LEU B 330 -4.79 26.08 -10.46
CA LEU B 330 -4.55 26.19 -9.02
C LEU B 330 -4.27 27.63 -8.61
N TYR B 331 -3.28 28.27 -9.24
CA TYR B 331 -2.97 29.65 -8.89
C TYR B 331 -4.19 30.55 -9.06
N ASP B 332 -4.75 30.58 -10.29
CA ASP B 332 -5.96 31.32 -10.62
C ASP B 332 -7.04 31.27 -9.52
N LYS B 333 -7.19 30.10 -8.89
CA LYS B 333 -8.28 29.86 -7.97
C LYS B 333 -7.92 29.72 -6.49
N THR B 334 -6.66 29.94 -6.14
CA THR B 334 -6.24 29.82 -4.72
C THR B 334 -5.28 30.90 -4.25
N ASN B 335 -4.60 31.56 -5.18
CA ASN B 335 -3.54 32.53 -4.85
C ASN B 335 -2.29 31.80 -4.35
N GLU B 336 -2.31 30.47 -4.43
CA GLU B 336 -1.19 29.65 -3.98
C GLU B 336 -0.18 29.40 -5.09
N ILE B 337 1.07 29.75 -4.81
CA ILE B 337 2.16 29.70 -5.78
C ILE B 337 2.42 28.27 -6.22
N PRO B 338 2.27 27.98 -7.52
CA PRO B 338 2.48 26.65 -8.08
C PRO B 338 3.92 26.18 -7.88
N ALA B 339 4.10 24.87 -7.69
CA ALA B 339 5.43 24.26 -7.56
C ALA B 339 6.03 23.92 -8.92
N ASN B 340 5.15 23.64 -9.89
CA ASN B 340 5.52 23.47 -11.29
C ASN B 340 6.14 24.77 -11.82
N THR B 341 7.36 24.67 -12.33
CA THR B 341 8.16 25.84 -12.71
C THR B 341 7.55 26.70 -13.81
N GLU B 342 6.89 26.07 -14.76
CA GLU B 342 6.19 26.78 -15.81
C GLU B 342 4.96 27.49 -15.30
N ALA B 343 4.16 26.78 -14.51
CA ALA B 343 2.97 27.35 -13.91
C ALA B 343 3.35 28.40 -12.87
N ARG B 344 4.51 28.23 -12.25
CA ARG B 344 5.04 29.20 -11.31
C ARG B 344 5.34 30.49 -12.02
N SER B 345 6.01 30.37 -13.17
CA SER B 345 6.37 31.51 -13.99
C SER B 345 5.13 32.28 -14.46
N TYR B 346 4.06 31.55 -14.77
CA TYR B 346 2.74 32.12 -15.06
C TYR B 346 2.25 32.99 -13.91
N ALA B 347 2.31 32.44 -12.69
CA ALA B 347 1.96 33.17 -11.48
C ALA B 347 2.78 34.45 -11.29
N GLU B 348 4.07 34.36 -11.62
CA GLU B 348 4.96 35.53 -11.58
C GLU B 348 4.48 36.61 -12.54
N GLY B 349 3.71 36.21 -13.56
CA GLY B 349 3.20 37.13 -14.56
C GLY B 349 2.16 38.12 -14.07
N LYS B 350 1.23 37.64 -13.23
CA LYS B 350 0.12 38.44 -12.71
C LYS B 350 0.54 39.76 -12.08
N ASN B 351 1.82 39.88 -11.77
CA ASN B 351 2.39 41.09 -11.17
C ASN B 351 1.79 41.49 -9.80
N ASP B 352 1.34 40.48 -9.06
CA ASP B 352 0.86 40.72 -7.70
C ASP B 352 2.01 40.63 -6.71
N GLU B 353 1.97 41.45 -5.66
CA GLU B 353 3.11 41.61 -4.75
C GLU B 353 3.40 40.37 -3.89
N LEU B 354 2.35 39.74 -3.37
CA LEU B 354 2.49 38.53 -2.56
C LEU B 354 3.14 37.38 -3.34
N THR B 355 2.58 37.10 -4.51
CA THR B 355 3.04 36.04 -5.40
C THR B 355 4.51 36.20 -5.74
N THR B 356 4.88 37.39 -6.21
CA THR B 356 6.25 37.64 -6.65
C THR B 356 7.24 37.45 -5.49
N ALA B 357 6.87 37.99 -4.32
CA ALA B 357 7.73 37.92 -3.13
C ALA B 357 8.04 36.49 -2.70
N VAL B 358 7.01 35.65 -2.63
CA VAL B 358 7.20 34.23 -2.31
C VAL B 358 8.16 33.57 -3.29
N ILE B 359 7.87 33.73 -4.58
CA ILE B 359 8.69 33.18 -5.66
C ILE B 359 10.15 33.63 -5.51
N LYS B 360 10.37 34.93 -5.48
CA LYS B 360 11.74 35.47 -5.48
C LYS B 360 12.50 35.19 -4.19
N GLN B 361 11.77 34.93 -3.10
CA GLN B 361 12.38 34.57 -1.83
C GLN B 361 12.70 33.08 -1.77
N PHE B 362 11.90 32.28 -2.47
CA PHE B 362 12.12 30.85 -2.58
C PHE B 362 13.47 30.52 -3.24
N LYS B 363 13.98 31.44 -4.05
CA LYS B 363 15.29 31.26 -4.66
C LYS B 363 16.44 31.26 -3.64
N ASN B 364 16.19 31.82 -2.47
CA ASN B 364 17.23 31.91 -1.43
C ASN B 364 16.96 31.06 -0.18
N THR B 365 15.89 30.27 -0.21
CA THR B 365 15.55 29.39 0.89
C THR B 365 16.33 28.08 0.84
N GLN B 366 16.99 27.75 1.94
CA GLN B 366 17.64 26.45 2.09
C GLN B 366 16.68 25.50 2.83
N PRO B 367 16.71 24.18 2.51
CA PRO B 367 15.56 23.32 2.83
C PRO B 367 15.49 22.85 4.29
N LEU B 368 14.32 22.39 4.70
CA LEU B 368 14.07 21.92 6.07
C LEU B 368 14.40 20.44 6.20
N PRO B 369 15.55 20.12 6.81
CA PRO B 369 16.01 18.73 6.92
C PRO B 369 14.88 17.78 7.29
N ASN B 370 14.87 16.60 6.69
CA ASN B 370 13.80 15.64 6.91
C ASN B 370 14.27 14.28 7.41
N ILE B 371 15.54 14.22 7.81
CA ILE B 371 16.09 13.06 8.51
C ILE B 371 15.53 13.01 9.95
N SER B 372 15.74 11.88 10.63
CA SER B 372 15.16 11.68 11.96
C SER B 372 15.64 12.69 13.00
N GLN B 373 16.94 12.98 12.98
CA GLN B 373 17.59 13.80 13.99
C GLN B 373 17.14 15.27 13.98
N MET B 374 16.46 15.68 12.91
CA MET B 374 15.77 16.97 12.90
C MET B 374 14.68 16.98 13.98
N SER B 375 14.24 15.79 14.37
CA SER B 375 13.28 15.61 15.45
C SER B 375 13.83 16.08 16.79
N ALA B 376 15.15 16.04 16.94
CA ALA B 376 15.83 16.53 18.13
C ALA B 376 15.90 18.05 18.14
N VAL B 377 16.22 18.64 16.99
CA VAL B 377 16.56 20.06 16.87
C VAL B 377 15.50 21.03 17.39
N TRP B 378 14.23 20.78 17.08
CA TRP B 378 13.17 21.76 17.33
C TRP B 378 13.22 22.47 18.69
N ASP B 379 13.22 21.71 19.78
CA ASP B 379 13.19 22.31 21.12
C ASP B 379 14.50 22.99 21.54
N PRO B 380 15.63 22.26 21.57
CA PRO B 380 16.87 22.93 21.98
C PRO B 380 17.15 24.23 21.22
N ALA B 381 16.61 24.35 20.00
CA ALA B 381 16.81 25.52 19.14
C ALA B 381 15.96 26.71 19.57
N LYS B 382 14.68 26.46 19.82
CA LYS B 382 13.79 27.51 20.30
C LYS B 382 14.33 28.04 21.62
N ASN B 383 14.66 27.13 22.54
CA ASN B 383 15.13 27.49 23.87
C ASN B 383 16.42 28.30 23.79
N MET B 384 17.28 27.95 22.83
CA MET B 384 18.49 28.72 22.52
C MET B 384 18.13 30.18 22.28
N LEU B 385 17.07 30.42 21.51
CA LEU B 385 16.65 31.77 21.18
C LEU B 385 16.13 32.51 22.41
N PHE B 386 15.21 31.89 23.15
CA PHE B 386 14.72 32.48 24.39
C PHE B 386 15.87 32.77 25.35
N ASP B 387 16.67 31.75 25.66
CA ASP B 387 17.78 31.88 26.60
C ASP B 387 18.66 33.07 26.29
N ALA B 388 18.89 33.33 25.00
CA ALA B 388 19.74 34.46 24.59
C ALA B 388 19.02 35.81 24.60
N VAL B 389 17.80 35.87 24.05
CA VAL B 389 17.10 37.16 23.94
C VAL B 389 16.65 37.70 25.29
N SER B 390 16.52 36.80 26.27
CA SER B 390 16.12 37.21 27.61
C SER B 390 17.27 37.88 28.33
N GLY B 391 18.49 37.43 28.02
CA GLY B 391 19.70 37.91 28.69
C GLY B 391 20.27 36.83 29.60
N GLN B 392 19.52 35.73 29.74
CA GLN B 392 19.87 34.59 30.58
C GLN B 392 21.26 34.00 30.29
N LYS B 393 21.60 33.91 29.01
CA LYS B 393 22.91 33.43 28.59
C LYS B 393 23.42 34.37 27.51
N ASP B 394 24.72 34.41 27.31
CA ASP B 394 25.26 35.13 26.17
C ASP B 394 25.04 34.30 24.92
N ALA B 395 25.27 34.91 23.76
CA ALA B 395 24.99 34.29 22.47
C ALA B 395 25.79 33.00 22.27
N LYS B 396 27.08 33.06 22.54
CA LYS B 396 28.00 31.93 22.35
C LYS B 396 27.62 30.74 23.24
N THR B 397 27.28 31.03 24.50
CA THR B 397 26.95 29.99 25.48
C THR B 397 25.65 29.27 25.08
N ALA B 398 24.59 30.04 24.89
CA ALA B 398 23.26 29.52 24.54
C ALA B 398 23.29 28.60 23.31
N ALA B 399 24.09 28.98 22.32
CA ALA B 399 24.27 28.18 21.13
C ALA B 399 24.83 26.80 21.47
N ASN B 400 25.99 26.79 22.15
CA ASN B 400 26.67 25.54 22.55
C ASN B 400 25.81 24.60 23.39
N ASP B 401 25.12 25.16 24.38
CA ASP B 401 24.18 24.42 25.22
C ASP B 401 23.20 23.67 24.34
N ALA B 402 22.55 24.44 23.47
CA ALA B 402 21.59 23.91 22.50
C ALA B 402 22.18 22.76 21.66
N VAL B 403 23.41 22.92 21.20
CA VAL B 403 24.10 21.91 20.39
C VAL B 403 24.35 20.60 21.14
N THR B 404 25.02 20.73 22.29
CA THR B 404 25.30 19.58 23.18
C THR B 404 24.01 18.87 23.58
N LEU B 405 22.97 19.66 23.84
CA LEU B 405 21.65 19.12 24.15
C LEU B 405 21.05 18.33 23.00
N ILE B 406 21.31 18.79 21.78
CA ILE B 406 20.83 18.09 20.59
C ILE B 406 21.56 16.76 20.46
N LYS B 407 22.90 16.82 20.50
CA LYS B 407 23.74 15.63 20.42
C LYS B 407 23.26 14.54 21.38
N GLU B 408 23.01 14.94 22.63
CA GLU B 408 22.44 14.07 23.66
C GLU B 408 21.27 13.23 23.15
N THR B 409 20.26 13.91 22.60
CA THR B 409 19.00 13.25 22.23
C THR B 409 19.20 12.17 21.14
N LEU B 410 20.10 12.43 20.18
CA LEU B 410 20.50 11.36 19.24
C LEU B 410 21.72 10.58 19.74
#